data_3BC9
#
_entry.id   3BC9
#
_cell.length_a   227.850
_cell.length_b   77.240
_cell.length_c   50.380
_cell.angle_alpha   90.00
_cell.angle_beta   98.63
_cell.angle_gamma   90.00
#
_symmetry.space_group_name_H-M   'C 1 2 1'
#
loop_
_entity.id
_entity.type
_entity.pdbx_description
1 polymer 'Alpha amylase, catalytic region'
2 branched alpha-D-quinovopyranose-(1-4)-alpha-D-glucopyranose
3 branched 4,6-dideoxy-alpha-D-xylo-hexopyranose-(1-4)-alpha-D-glucopyranose
4 branched 4,6-dideoxy-alpha-D-xylo-hexopyranose-(1-4)-alpha-D-glucopyranose-(1-4)-beta-D-glucopyranose
5 branched 4,6-dideoxy-4-{[(1S,4R,5S,6S)-4,5,6-trihydroxy-3-(hydroxymethyl)cyclohex-2-en-1-yl]amino}-alpha-D-glucopyranose-(1-4)-alpha-D-glucopyranose-(1-4)-alpha-D-glucopyranose
6 non-polymer 'CALCIUM ION'
7 non-polymer 'SODIUM ION'
8 non-polymer 6-AMINO-4-HYDROXYMETHYL-CYCLOHEX-4-ENE-1,2,3-TRIOL
9 non-polymer alpha-D-glucopyranose
10 water water
#
_entity_poly.entity_id   1
_entity_poly.type   'polypeptide(L)'
_entity_poly.pdbx_seq_one_letter_code
;GCSNISEDVNNPNRSLFLIESEPSTGASVSKNLTEIILIFSNDINKVSQLALTDLITDSDIQGIDYNIEGNKVIINNFSL
EPTCNYRLSYEVIDIYDNHLQGYIEFLVNQSNYPQIPDQEVNHTILQAFYWEMNTGEYATEHPEEANLWNLLAERAPELA
EAGFTAVWLPPANKGMAGIHDVGYGTYDLWDLGEFDQKGTVRTKYGTKGELENAIDALHNNDIKVYFDAVLNHRMGADYA
ETVLLDENSRDKPGQYIKAWTGFNFPGRNGEYSNFTWNGQCFDGTDWDDYSKESGKYLFDEKSWDWTYNWDEDYLMGADV
DYENEAVQNDVIDWGQWIINNIDFDGFRLDAVKHIDYRFIDKWMSAVQNSSNRDVFFVGEAWVEDVDDLKGFLDTVGNPD
LRVFDFPLRSFFVDMLNGAYMADLRNAGLVNSPGYENRAVTFVDNHDTDRDEGSYTVSIYSRKYQAYAYILTRAEGVPTV
YWKDYYIWEMKEGLDKLLTARRYYAYGPGYEVDNNDADIYSYVRSGFPDVAGDGLVLMISDGTSGNVAGKWINSRQPDTE
FYDLTGHIKEHVTTDSEGYGNFKVIKSEDKGWSIWVPVE
;
_entity_poly.pdbx_strand_id   A
#
loop_
_chem_comp.id
_chem_comp.type
_chem_comp.name
_chem_comp.formula
AC1 D-saccharide 4,6-dideoxy-4-{[(1S,4R,5S,6S)-4,5,6-trihydroxy-3-(hydroxymethyl)cyclohex-2-en-1-yl]amino}-alpha-D-glucopyranose 'C13 H23 N O8'
ACI non-polymer 6-AMINO-4-HYDROXYMETHYL-CYCLOHEX-4-ENE-1,2,3-TRIOL 'C7 H13 N O4'
BGC D-saccharide, beta linking beta-D-glucopyranose 'C6 H12 O6'
CA non-polymer 'CALCIUM ION' 'Ca 2'
G6D D-saccharide, alpha linking alpha-D-quinovopyranose 'C6 H12 O5'
GLC D-saccharide, alpha linking alpha-D-glucopyranose 'C6 H12 O6'
GLD D-saccharide, alpha linking 4,6-dideoxy-alpha-D-xylo-hexopyranose 'C6 H12 O4'
NA non-polymer 'SODIUM ION' 'Na 1'
#
# COMPACT_ATOMS: atom_id res chain seq x y z
N SER A 15 24.76 34.05 6.79
CA SER A 15 25.62 32.87 6.79
C SER A 15 25.56 32.15 5.45
N LEU A 16 26.66 31.51 5.06
CA LEU A 16 26.77 30.78 3.79
C LEU A 16 26.48 29.27 4.07
N PHE A 17 25.46 28.74 3.41
CA PHE A 17 25.12 27.36 3.48
C PHE A 17 24.43 26.97 2.18
N LEU A 18 24.30 25.66 1.98
CA LEU A 18 23.60 25.16 0.83
C LEU A 18 22.11 25.10 1.15
N ILE A 19 21.27 25.75 0.37
CA ILE A 19 19.84 25.72 0.54
C ILE A 19 19.26 24.43 -0.01
N GLU A 20 19.60 24.09 -1.24
CA GLU A 20 19.12 22.89 -1.83
C GLU A 20 20.02 22.52 -3.01
N SER A 21 19.87 21.28 -3.45
CA SER A 21 20.53 20.77 -4.64
C SER A 21 19.62 19.94 -5.47
N GLU A 22 19.90 19.89 -6.79
CA GLU A 22 19.20 19.02 -7.73
C GLU A 22 20.30 18.24 -8.40
N PRO A 23 20.42 16.94 -8.13
CA PRO A 23 19.57 16.12 -7.25
C PRO A 23 19.86 16.42 -5.78
N SER A 24 18.92 16.04 -4.93
CA SER A 24 19.12 16.11 -3.50
C SER A 24 20.09 15.03 -3.06
N THR A 25 20.86 15.30 -2.00
CA THR A 25 21.77 14.27 -1.57
C THR A 25 20.99 12.99 -1.23
N GLY A 26 21.57 11.87 -1.60
CA GLY A 26 20.96 10.59 -1.38
C GLY A 26 20.05 10.11 -2.49
N ALA A 27 19.79 10.93 -3.48
CA ALA A 27 18.93 10.52 -4.60
C ALA A 27 19.43 9.44 -5.48
N SER A 28 18.53 8.69 -6.14
CA SER A 28 18.88 7.87 -7.28
C SER A 28 18.46 8.60 -8.56
N VAL A 29 19.38 8.66 -9.51
CA VAL A 29 19.21 9.47 -10.73
C VAL A 29 19.45 8.64 -11.96
N SER A 30 18.88 9.10 -13.07
CA SER A 30 19.13 8.49 -14.36
C SER A 30 20.56 8.77 -14.83
N LYS A 31 21.14 7.81 -15.52
CA LYS A 31 22.45 8.07 -16.20
C LYS A 31 22.37 9.20 -17.22
N ASN A 32 21.17 9.54 -17.65
CA ASN A 32 20.97 10.64 -18.59
C ASN A 32 21.05 12.01 -17.95
N LEU A 33 21.20 12.07 -16.62
CA LEU A 33 21.29 13.37 -15.94
C LEU A 33 22.46 14.17 -16.54
N THR A 34 22.22 15.42 -16.90
CA THR A 34 23.32 16.23 -17.54
C THR A 34 23.89 17.29 -16.64
N GLU A 35 23.18 17.71 -15.59
CA GLU A 35 23.75 18.73 -14.72
C GLU A 35 23.33 18.52 -13.27
N ILE A 36 24.16 19.02 -12.36
CA ILE A 36 23.90 19.11 -10.94
C ILE A 36 23.78 20.60 -10.68
N ILE A 37 22.73 20.98 -9.94
CA ILE A 37 22.50 22.36 -9.55
C ILE A 37 22.64 22.47 -8.03
N LEU A 38 23.53 23.37 -7.60
CA LEU A 38 23.69 23.73 -6.17
C LEU A 38 23.14 25.15 -5.99
N ILE A 39 22.31 25.36 -4.98
CA ILE A 39 21.75 26.63 -4.66
C ILE A 39 22.22 26.99 -3.27
N PHE A 40 22.95 28.10 -3.18
CA PHE A 40 23.51 28.63 -1.94
C PHE A 40 22.73 29.81 -1.39
N SER A 41 22.97 30.10 -0.12
CA SER A 41 22.24 31.14 0.59
C SER A 41 22.67 32.54 0.17
N ASN A 42 23.89 32.68 -0.32
CA ASN A 42 24.44 33.98 -0.78
C ASN A 42 24.98 33.79 -2.20
N ASP A 43 25.14 34.92 -2.91
CA ASP A 43 25.75 34.90 -4.20
C ASP A 43 27.18 34.39 -4.07
N ILE A 44 27.63 33.66 -5.06
CA ILE A 44 28.93 33.00 -5.07
C ILE A 44 29.89 33.75 -5.97
N ASN A 45 31.08 34.05 -5.44
CA ASN A 45 32.10 34.75 -6.17
C ASN A 45 33.01 33.75 -6.87
N LYS A 46 33.40 32.67 -6.21
CA LYS A 46 34.35 31.70 -6.77
C LYS A 46 33.94 30.27 -6.38
N VAL A 47 34.13 29.33 -7.29
CA VAL A 47 34.22 27.94 -6.95
C VAL A 47 35.68 27.62 -6.89
N SER A 48 36.20 27.42 -5.68
CA SER A 48 37.60 27.16 -5.49
C SER A 48 38.02 25.75 -5.85
N GLN A 49 37.15 24.77 -5.51
CA GLN A 49 37.49 23.37 -5.69
C GLN A 49 36.20 22.66 -6.02
N LEU A 50 36.30 21.67 -6.92
CA LEU A 50 35.12 20.90 -7.34
C LEU A 50 35.59 19.59 -7.84
N ALA A 51 34.96 18.50 -7.39
CA ALA A 51 35.31 17.17 -7.88
C ALA A 51 34.03 16.34 -7.90
N LEU A 52 33.91 15.52 -8.92
CA LEU A 52 32.86 14.46 -9.00
C LEU A 52 33.60 13.18 -8.92
N THR A 53 33.39 12.45 -7.83
CA THR A 53 34.14 11.30 -7.55
C THR A 53 33.30 10.03 -7.62
N ASP A 54 33.77 9.07 -8.38
CA ASP A 54 33.24 7.70 -8.37
C ASP A 54 33.76 7.03 -7.12
N LEU A 55 32.85 6.75 -6.20
CA LEU A 55 33.22 6.28 -4.88
C LEU A 55 33.60 4.86 -4.79
N ILE A 56 33.32 4.08 -5.80
CA ILE A 56 33.62 2.67 -5.76
C ILE A 56 35.08 2.49 -6.20
N THR A 57 35.46 3.20 -7.25
CA THR A 57 36.86 3.14 -7.75
C THR A 57 37.77 4.19 -7.16
N ASP A 58 37.21 5.14 -6.43
CA ASP A 58 37.92 6.26 -5.87
C ASP A 58 38.64 7.06 -6.95
N SER A 59 37.89 7.44 -7.97
CA SER A 59 38.44 8.21 -9.12
C SER A 59 37.67 9.50 -9.33
N ASP A 60 38.38 10.62 -9.52
CA ASP A 60 37.73 11.88 -9.83
C ASP A 60 37.52 11.92 -11.35
N ILE A 61 36.34 12.33 -11.77
N ILE A 61 36.31 12.27 -11.78
CA ILE A 61 35.99 12.40 -13.19
CA ILE A 61 36.00 12.46 -13.20
C ILE A 61 36.64 13.66 -13.77
C ILE A 61 36.75 13.66 -13.71
N GLN A 62 37.47 13.47 -14.80
CA GLN A 62 38.19 14.58 -15.43
C GLN A 62 37.27 15.37 -16.38
N GLY A 63 37.49 16.67 -16.48
CA GLY A 63 36.82 17.46 -17.49
C GLY A 63 35.47 18.02 -17.08
N ILE A 64 35.05 17.92 -15.80
CA ILE A 64 33.81 18.52 -15.39
C ILE A 64 33.91 20.02 -15.48
N ASP A 65 32.77 20.67 -15.75
N ASP A 65 32.76 20.66 -15.60
CA ASP A 65 32.68 22.12 -15.87
CA ASP A 65 32.69 22.08 -15.82
C ASP A 65 31.68 22.66 -14.87
C ASP A 65 31.64 22.67 -14.91
N TYR A 66 31.75 23.96 -14.60
CA TYR A 66 30.77 24.66 -13.82
C TYR A 66 30.52 26.04 -14.36
N ASN A 67 29.37 26.57 -13.96
CA ASN A 67 29.03 27.95 -14.25
C ASN A 67 28.35 28.52 -13.00
N ILE A 68 28.66 29.76 -12.65
CA ILE A 68 28.04 30.47 -11.55
C ILE A 68 27.01 31.43 -12.08
N GLU A 69 25.82 31.38 -11.51
CA GLU A 69 24.72 32.28 -11.85
C GLU A 69 24.11 32.78 -10.57
N GLY A 70 24.63 33.88 -10.04
CA GLY A 70 24.12 34.41 -8.77
C GLY A 70 24.52 33.48 -7.64
N ASN A 71 23.53 32.93 -6.96
CA ASN A 71 23.74 31.98 -5.87
C ASN A 71 23.65 30.53 -6.31
N LYS A 72 23.57 30.28 -7.62
CA LYS A 72 23.50 28.93 -8.16
C LYS A 72 24.81 28.53 -8.85
N VAL A 73 25.19 27.28 -8.67
CA VAL A 73 26.32 26.72 -9.37
C VAL A 73 25.78 25.54 -10.14
N ILE A 74 26.02 25.53 -11.45
CA ILE A 74 25.59 24.47 -12.29
C ILE A 74 26.81 23.68 -12.73
N ILE A 75 26.83 22.37 -12.48
CA ILE A 75 27.96 21.52 -12.77
C ILE A 75 27.54 20.54 -13.84
N ASN A 76 28.37 20.39 -14.87
CA ASN A 76 28.04 19.48 -15.96
C ASN A 76 29.27 18.99 -16.65
N ASN A 77 29.09 18.49 -17.86
CA ASN A 77 30.15 17.91 -18.66
C ASN A 77 30.68 16.57 -18.14
N PHE A 78 29.76 15.70 -17.71
CA PHE A 78 30.11 14.38 -17.21
C PHE A 78 29.19 13.31 -17.73
N SER A 79 29.70 12.09 -17.79
CA SER A 79 28.96 10.92 -18.21
C SER A 79 28.87 9.90 -17.06
N LEU A 80 27.71 9.84 -16.46
CA LEU A 80 27.47 8.96 -15.31
C LEU A 80 27.36 7.52 -15.70
N GLU A 81 27.88 6.63 -14.86
CA GLU A 81 27.83 5.17 -15.10
C GLU A 81 26.67 4.57 -14.29
N PRO A 82 25.81 3.80 -14.91
CA PRO A 82 24.75 3.12 -14.17
C PRO A 82 25.31 2.28 -13.01
N THR A 83 24.56 2.32 -11.89
CA THR A 83 24.85 1.58 -10.63
C THR A 83 25.91 2.21 -9.77
N CYS A 84 26.57 3.26 -10.25
N CYS A 84 26.57 3.26 -10.25
CA CYS A 84 27.66 3.84 -9.48
CA CYS A 84 27.67 3.84 -9.50
C CYS A 84 27.22 4.89 -8.47
C CYS A 84 27.23 4.89 -8.48
N ASN A 85 27.94 4.94 -7.34
CA ASN A 85 27.74 5.90 -6.30
C ASN A 85 28.75 7.03 -6.54
N TYR A 86 28.27 8.25 -6.50
CA TYR A 86 29.12 9.43 -6.72
C TYR A 86 29.03 10.38 -5.58
N ARG A 87 30.12 11.17 -5.42
CA ARG A 87 30.09 12.31 -4.54
C ARG A 87 30.53 13.56 -5.32
N LEU A 88 29.75 14.61 -5.25
CA LEU A 88 30.15 15.93 -5.76
C LEU A 88 30.58 16.77 -4.58
N SER A 89 31.89 17.01 -4.52
CA SER A 89 32.50 17.85 -3.46
C SER A 89 32.83 19.22 -3.98
N TYR A 90 32.60 20.23 -3.16
CA TYR A 90 32.81 21.61 -3.56
C TYR A 90 33.42 22.43 -2.42
N GLU A 91 34.14 23.49 -2.80
CA GLU A 91 34.53 24.55 -1.89
C GLU A 91 34.20 25.82 -2.61
N VAL A 92 33.35 26.64 -2.02
CA VAL A 92 32.92 27.87 -2.66
C VAL A 92 33.28 29.02 -1.76
N ILE A 93 33.36 30.20 -2.38
CA ILE A 93 33.55 31.47 -1.67
C ILE A 93 32.46 32.42 -2.10
N ASP A 94 31.73 32.97 -1.14
CA ASP A 94 30.68 33.87 -1.47
C ASP A 94 31.17 35.34 -1.61
N ILE A 95 30.26 36.22 -1.96
CA ILE A 95 30.61 37.63 -2.24
C ILE A 95 30.99 38.39 -0.97
N TYR A 96 30.79 37.79 0.20
CA TYR A 96 31.27 38.31 1.50
C TYR A 96 32.55 37.65 2.00
N ASP A 97 33.19 36.87 1.16
CA ASP A 97 34.43 36.17 1.50
C ASP A 97 34.26 35.02 2.51
N ASN A 98 33.04 34.56 2.72
CA ASN A 98 32.79 33.39 3.51
C ASN A 98 33.15 32.19 2.65
N HIS A 99 33.82 31.21 3.26
CA HIS A 99 34.22 29.96 2.60
C HIS A 99 33.28 28.83 3.07
N LEU A 100 32.90 27.95 2.15
CA LEU A 100 32.09 26.78 2.52
C LEU A 100 32.54 25.56 1.75
N GLN A 101 32.83 24.51 2.50
CA GLN A 101 33.19 23.22 1.97
C GLN A 101 32.00 22.29 2.19
N GLY A 102 31.62 21.56 1.16
CA GLY A 102 30.53 20.58 1.31
C GLY A 102 30.47 19.58 0.21
N TYR A 103 29.48 18.71 0.28
CA TYR A 103 29.27 17.75 -0.78
C TYR A 103 27.82 17.31 -0.87
N ILE A 104 27.52 16.66 -1.98
CA ILE A 104 26.29 15.83 -2.07
C ILE A 104 26.69 14.48 -2.65
N GLU A 105 25.88 13.46 -2.37
CA GLU A 105 26.10 12.12 -2.87
C GLU A 105 24.84 11.64 -3.55
N PHE A 106 25.04 10.82 -4.54
CA PHE A 106 23.87 10.22 -5.29
C PHE A 106 24.27 8.94 -5.93
N LEU A 107 23.27 8.17 -6.37
CA LEU A 107 23.46 6.85 -6.91
C LEU A 107 22.79 6.87 -8.30
N VAL A 108 23.39 6.25 -9.26
CA VAL A 108 22.82 6.18 -10.62
C VAL A 108 22.03 4.89 -10.77
N ASN A 109 20.83 5.01 -11.34
CA ASN A 109 19.99 3.85 -11.63
C ASN A 109 20.65 2.89 -12.59
N GLN A 110 20.31 1.62 -12.46
CA GLN A 110 20.70 0.63 -13.42
C GLN A 110 19.98 0.93 -14.72
N SER A 111 20.69 0.72 -15.83
CA SER A 111 20.11 0.92 -17.17
C SER A 111 19.63 -0.35 -17.80
N ASN A 112 20.25 -1.46 -17.43
CA ASN A 112 19.97 -2.76 -18.00
C ASN A 112 19.55 -3.71 -16.86
N TYR A 113 18.26 -3.84 -16.70
CA TYR A 113 17.66 -4.63 -15.63
C TYR A 113 17.54 -6.09 -16.00
N PRO A 114 17.46 -6.97 -15.01
CA PRO A 114 17.16 -8.40 -15.29
C PRO A 114 15.88 -8.49 -16.08
N GLN A 115 15.83 -9.45 -16.99
CA GLN A 115 14.68 -9.63 -17.85
C GLN A 115 13.79 -10.73 -17.33
N ILE A 116 12.75 -10.30 -16.63
CA ILE A 116 11.85 -11.20 -15.96
C ILE A 116 10.72 -11.51 -16.94
N PRO A 117 10.45 -12.81 -17.19
CA PRO A 117 9.30 -13.11 -18.06
C PRO A 117 8.01 -12.44 -17.54
N ASP A 118 7.24 -11.83 -18.44
CA ASP A 118 5.98 -11.14 -18.10
C ASP A 118 5.10 -11.93 -17.15
N GLN A 119 4.94 -13.23 -17.34
CA GLN A 119 4.14 -14.07 -16.48
C GLN A 119 4.64 -14.25 -15.05
N GLU A 120 5.91 -13.93 -14.75
CA GLU A 120 6.49 -14.23 -13.45
C GLU A 120 6.72 -12.93 -12.69
N VAL A 121 6.40 -11.82 -13.31
CA VAL A 121 6.62 -10.48 -12.66
C VAL A 121 5.82 -10.40 -11.37
N ASN A 122 6.46 -9.90 -10.31
CA ASN A 122 5.82 -9.82 -9.04
C ASN A 122 4.60 -8.92 -9.01
N HIS A 123 3.63 -9.31 -8.18
CA HIS A 123 2.43 -8.49 -7.98
C HIS A 123 2.58 -7.53 -6.80
N THR A 124 2.08 -6.33 -7.00
CA THR A 124 2.16 -5.27 -5.96
C THR A 124 0.95 -4.36 -6.09
N ILE A 125 0.23 -4.16 -4.99
CA ILE A 125 -1.01 -3.38 -4.95
C ILE A 125 -0.78 -1.99 -4.41
N LEU A 126 -1.43 -1.01 -5.03
CA LEU A 126 -1.54 0.31 -4.46
C LEU A 126 -2.92 0.53 -3.82
N GLN A 127 -2.98 0.84 -2.55
CA GLN A 127 -4.24 1.33 -1.96
C GLN A 127 -4.43 2.79 -2.33
N ALA A 128 -5.33 3.04 -3.23
CA ALA A 128 -5.40 4.36 -3.90
C ALA A 128 -6.31 5.37 -3.22
N PHE A 129 -6.24 5.42 -1.90
CA PHE A 129 -6.93 6.41 -1.17
C PHE A 129 -6.46 6.54 0.26
N TYR A 130 -7.02 7.50 1.00
CA TYR A 130 -6.85 7.69 2.43
C TYR A 130 -8.02 8.41 2.97
N TRP A 131 -8.14 8.50 4.30
CA TRP A 131 -9.39 8.95 4.92
C TRP A 131 -9.71 10.41 4.62
N GLU A 132 -8.65 11.25 4.70
CA GLU A 132 -8.86 12.70 4.63
C GLU A 132 -8.74 13.29 3.26
N MET A 133 -8.67 12.48 2.23
CA MET A 133 -8.55 12.96 0.89
C MET A 133 -9.58 14.00 0.57
N ASN A 134 -9.14 15.08 -0.05
CA ASN A 134 -10.02 16.20 -0.38
C ASN A 134 -10.83 16.86 0.74
N THR A 135 -10.19 16.92 1.91
CA THR A 135 -10.68 17.59 3.08
C THR A 135 -9.61 18.49 3.63
N GLY A 136 -10.06 19.53 4.32
CA GLY A 136 -9.12 20.37 5.09
C GLY A 136 -7.95 20.85 4.27
N GLU A 137 -6.76 20.78 4.85
CA GLU A 137 -5.55 21.22 4.16
C GLU A 137 -5.15 20.31 3.02
N TYR A 138 -5.62 19.03 3.03
CA TYR A 138 -5.27 18.15 1.94
C TYR A 138 -5.93 18.64 0.65
N ALA A 139 -7.13 19.21 0.77
CA ALA A 139 -7.83 19.75 -0.38
C ALA A 139 -7.05 20.91 -1.04
N THR A 140 -6.42 21.73 -0.20
CA THR A 140 -5.60 22.89 -0.68
C THR A 140 -4.27 22.48 -1.24
N GLU A 141 -3.62 21.57 -0.56
CA GLU A 141 -2.31 21.14 -0.96
C GLU A 141 -2.32 20.13 -2.09
N HIS A 142 -3.40 19.34 -2.23
CA HIS A 142 -3.48 18.32 -3.28
C HIS A 142 -4.79 18.40 -4.02
N PRO A 143 -5.00 19.52 -4.71
CA PRO A 143 -6.31 19.75 -5.32
C PRO A 143 -6.66 18.73 -6.42
N GLU A 144 -5.64 18.08 -6.98
CA GLU A 144 -5.82 17.01 -7.98
C GLU A 144 -6.72 15.85 -7.46
N GLU A 145 -6.75 15.71 -6.14
CA GLU A 145 -7.50 14.63 -5.49
C GLU A 145 -8.97 14.90 -5.35
N ALA A 146 -9.41 16.07 -5.81
CA ALA A 146 -10.84 16.36 -5.83
C ALA A 146 -11.59 15.53 -6.87
N ASN A 147 -10.88 14.87 -7.78
CA ASN A 147 -11.44 14.04 -8.83
C ASN A 147 -10.55 12.81 -8.96
N LEU A 148 -10.71 11.91 -7.99
CA LEU A 148 -9.79 10.78 -7.91
C LEU A 148 -9.85 9.87 -9.12
N TRP A 149 -11.05 9.55 -9.66
CA TRP A 149 -11.01 8.69 -10.81
C TRP A 149 -10.23 9.33 -11.99
N ASN A 150 -10.45 10.62 -12.22
CA ASN A 150 -9.68 11.31 -13.27
C ASN A 150 -8.20 11.25 -12.99
N LEU A 151 -7.84 11.46 -11.73
CA LEU A 151 -6.41 11.39 -11.33
C LEU A 151 -5.77 10.02 -11.57
N LEU A 152 -6.52 8.96 -11.25
CA LEU A 152 -5.99 7.64 -11.49
C LEU A 152 -5.81 7.34 -12.95
N ALA A 153 -6.71 7.85 -13.79
CA ALA A 153 -6.56 7.67 -15.19
C ALA A 153 -5.28 8.36 -15.65
N GLU A 154 -5.04 9.59 -15.18
N GLU A 154 -5.04 9.56 -15.20
CA GLU A 154 -3.82 10.42 -15.49
CA GLU A 154 -3.84 10.28 -15.63
C GLU A 154 -2.53 9.77 -15.01
C GLU A 154 -2.59 9.58 -15.12
N ARG A 155 -2.61 9.09 -13.87
CA ARG A 155 -1.42 8.47 -13.27
C ARG A 155 -1.15 7.06 -13.68
N ALA A 156 -2.04 6.41 -14.43
CA ALA A 156 -1.86 4.99 -14.73
C ALA A 156 -0.49 4.61 -15.33
N PRO A 157 0.03 5.38 -16.30
CA PRO A 157 1.32 5.02 -16.81
C PRO A 157 2.41 5.13 -15.75
N GLU A 158 2.40 6.16 -14.93
CA GLU A 158 3.45 6.28 -13.92
C GLU A 158 3.35 5.20 -12.84
N LEU A 159 2.13 4.81 -12.50
CA LEU A 159 1.93 3.70 -11.56
C LEU A 159 2.49 2.40 -12.12
N ALA A 160 2.25 2.14 -13.39
CA ALA A 160 2.76 0.98 -14.02
C ALA A 160 4.29 0.98 -14.08
N GLU A 161 4.85 2.14 -14.36
CA GLU A 161 6.31 2.26 -14.44
C GLU A 161 6.96 2.03 -13.08
N ALA A 162 6.23 2.37 -12.02
CA ALA A 162 6.73 2.23 -10.67
C ALA A 162 6.72 0.81 -10.25
N GLY A 163 5.92 -0.05 -10.88
CA GLY A 163 5.87 -1.47 -10.66
C GLY A 163 4.55 -1.97 -10.08
N PHE A 164 3.54 -1.12 -9.96
CA PHE A 164 2.28 -1.58 -9.46
C PHE A 164 1.56 -2.39 -10.49
N THR A 165 0.93 -3.47 -10.06
CA THR A 165 0.20 -4.34 -10.94
C THR A 165 -1.31 -4.34 -10.65
N ALA A 166 -1.73 -3.71 -9.56
CA ALA A 166 -3.12 -3.65 -9.16
C ALA A 166 -3.33 -2.41 -8.33
N VAL A 167 -4.55 -1.87 -8.39
CA VAL A 167 -4.95 -0.78 -7.53
C VAL A 167 -6.22 -1.19 -6.78
N TRP A 168 -6.26 -0.88 -5.48
CA TRP A 168 -7.48 -1.05 -4.65
C TRP A 168 -8.13 0.32 -4.57
N LEU A 169 -9.31 0.44 -5.12
CA LEU A 169 -10.05 1.70 -5.08
C LEU A 169 -10.89 1.83 -3.82
N PRO A 170 -11.18 3.06 -3.35
CA PRO A 170 -12.10 3.19 -2.28
C PRO A 170 -13.46 2.73 -2.78
N PRO A 171 -14.37 2.43 -1.86
CA PRO A 171 -15.70 2.01 -2.33
C PRO A 171 -16.24 3.05 -3.34
N ALA A 172 -16.71 2.57 -4.49
CA ALA A 172 -17.05 3.47 -5.59
C ALA A 172 -18.54 3.75 -5.76
N ASN A 173 -19.33 3.15 -4.89
CA ASN A 173 -20.77 3.37 -4.88
C ASN A 173 -21.22 4.47 -3.92
N LYS A 174 -22.50 4.85 -4.02
CA LYS A 174 -23.03 5.90 -3.29
C LYS A 174 -23.18 5.58 -1.80
N GLY A 175 -22.72 6.51 -0.98
CA GLY A 175 -22.84 6.45 0.47
C GLY A 175 -23.80 7.42 1.08
N MET A 176 -24.12 7.20 2.33
CA MET A 176 -25.11 7.98 3.02
C MET A 176 -24.72 9.46 3.11
N ALA A 177 -23.42 9.79 3.20
CA ALA A 177 -23.00 11.19 3.34
C ALA A 177 -22.76 11.82 1.96
N GLY A 178 -23.15 11.15 0.89
CA GLY A 178 -23.12 11.72 -0.42
C GLY A 178 -21.71 12.05 -0.80
N ILE A 179 -21.46 13.27 -1.25
CA ILE A 179 -20.19 13.66 -1.77
C ILE A 179 -19.08 13.65 -0.72
N HIS A 180 -19.45 13.64 0.56
CA HIS A 180 -18.53 13.60 1.66
C HIS A 180 -18.20 12.18 2.16
N ASP A 181 -18.90 11.20 1.65
CA ASP A 181 -18.66 9.82 2.15
C ASP A 181 -17.35 9.28 1.61
N VAL A 182 -16.48 8.77 2.50
CA VAL A 182 -15.33 8.05 2.04
C VAL A 182 -15.73 6.80 1.30
N GLY A 183 -16.91 6.28 1.65
CA GLY A 183 -17.44 5.17 0.91
C GLY A 183 -18.01 4.03 1.74
N TYR A 184 -17.74 4.04 3.03
CA TYR A 184 -18.17 2.97 3.91
C TYR A 184 -19.52 3.07 4.50
N GLY A 185 -20.20 4.18 4.26
CA GLY A 185 -21.59 4.41 4.74
C GLY A 185 -22.57 3.92 3.69
N THR A 186 -22.49 2.64 3.30
CA THR A 186 -23.11 2.13 2.09
C THR A 186 -24.60 2.45 2.00
N TYR A 187 -24.98 3.15 0.92
CA TYR A 187 -26.40 3.39 0.64
C TYR A 187 -26.89 2.49 -0.49
N ASP A 188 -26.32 2.65 -1.69
CA ASP A 188 -26.78 1.94 -2.86
C ASP A 188 -25.57 1.41 -3.64
N LEU A 189 -25.31 0.09 -3.58
CA LEU A 189 -24.24 -0.63 -4.33
C LEU A 189 -24.34 -0.44 -5.84
N TRP A 190 -25.58 -0.21 -6.34
CA TRP A 190 -25.82 -0.13 -7.76
C TRP A 190 -25.62 1.24 -8.35
N ASP A 191 -25.30 2.22 -7.51
CA ASP A 191 -25.15 3.61 -7.95
C ASP A 191 -23.64 3.92 -7.84
N LEU A 192 -22.91 3.86 -8.96
CA LEU A 192 -21.46 4.16 -9.00
C LEU A 192 -21.16 5.60 -9.38
N GLY A 193 -21.99 6.50 -8.91
CA GLY A 193 -21.88 7.92 -9.27
C GLY A 193 -22.59 8.28 -10.54
N GLU A 194 -23.77 7.69 -10.73
CA GLU A 194 -24.59 7.73 -11.94
C GLU A 194 -25.98 8.37 -11.72
N PHE A 195 -26.47 8.29 -10.49
CA PHE A 195 -27.86 8.69 -10.12
C PHE A 195 -27.91 9.77 -9.10
N ASP A 196 -28.93 10.66 -9.18
CA ASP A 196 -29.04 11.75 -8.19
C ASP A 196 -29.64 11.20 -6.90
N GLN A 197 -28.75 10.87 -5.94
CA GLN A 197 -29.11 10.20 -4.71
C GLN A 197 -28.16 10.73 -3.66
N LYS A 198 -28.68 11.03 -2.50
CA LYS A 198 -27.89 11.55 -1.39
C LYS A 198 -27.26 12.89 -1.66
N GLY A 199 -27.96 13.70 -2.47
CA GLY A 199 -27.55 15.03 -2.70
C GLY A 199 -26.58 15.26 -3.80
N THR A 200 -26.22 14.23 -4.55
CA THR A 200 -25.17 14.29 -5.53
C THR A 200 -25.35 13.21 -6.56
N VAL A 201 -24.86 13.46 -7.77
CA VAL A 201 -24.83 12.46 -8.78
C VAL A 201 -23.48 11.73 -8.57
N ARG A 202 -22.38 12.45 -8.69
CA ARG A 202 -21.06 11.83 -8.44
C ARG A 202 -20.96 11.34 -7.01
N THR A 203 -20.05 10.38 -6.80
CA THR A 203 -19.56 10.08 -5.46
C THR A 203 -18.46 11.06 -5.09
N LYS A 204 -17.84 10.89 -3.95
CA LYS A 204 -16.70 11.70 -3.55
C LYS A 204 -15.67 11.69 -4.63
N TYR A 205 -15.53 10.57 -5.35
CA TYR A 205 -14.36 10.28 -6.22
C TYR A 205 -14.60 10.67 -7.68
N GLY A 206 -15.86 10.78 -8.08
CA GLY A 206 -16.21 11.10 -9.46
C GLY A 206 -17.47 10.39 -9.90
N THR A 207 -17.77 10.53 -11.18
CA THR A 207 -18.95 9.90 -11.78
C THR A 207 -18.65 8.49 -12.29
N LYS A 208 -19.71 7.70 -12.60
CA LYS A 208 -19.54 6.39 -13.15
C LYS A 208 -18.72 6.42 -14.42
N GLY A 209 -19.00 7.40 -15.29
CA GLY A 209 -18.23 7.50 -16.52
C GLY A 209 -16.74 7.73 -16.27
N GLU A 210 -16.42 8.57 -15.29
CA GLU A 210 -15.01 8.83 -14.87
C GLU A 210 -14.37 7.55 -14.33
N LEU A 211 -15.15 6.78 -13.57
CA LEU A 211 -14.67 5.51 -13.07
C LEU A 211 -14.37 4.59 -14.22
N GLU A 212 -15.29 4.44 -15.19
CA GLU A 212 -15.04 3.55 -16.29
C GLU A 212 -13.83 4.00 -17.12
N ASN A 213 -13.66 5.31 -17.28
CA ASN A 213 -12.45 5.84 -17.97
C ASN A 213 -11.20 5.42 -17.18
N ALA A 214 -11.19 5.58 -15.86
CA ALA A 214 -10.05 5.13 -15.05
C ALA A 214 -9.77 3.63 -15.21
N ILE A 215 -10.83 2.80 -15.16
CA ILE A 215 -10.63 1.37 -15.28
C ILE A 215 -9.95 1.04 -16.63
N ASP A 216 -10.51 1.68 -17.70
CA ASP A 216 -9.95 1.42 -19.01
C ASP A 216 -8.51 1.94 -19.13
N ALA A 217 -8.19 3.06 -18.53
CA ALA A 217 -6.81 3.60 -18.58
C ALA A 217 -5.86 2.68 -17.74
N LEU A 218 -6.33 2.25 -16.58
CA LEU A 218 -5.53 1.33 -15.78
C LEU A 218 -5.30 0.01 -16.53
N HIS A 219 -6.38 -0.56 -17.11
CA HIS A 219 -6.21 -1.74 -17.92
C HIS A 219 -5.26 -1.53 -19.12
N ASN A 220 -5.29 -0.33 -19.70
CA ASN A 220 -4.41 0.04 -20.82
C ASN A 220 -2.95 -0.08 -20.43
N ASN A 221 -2.67 -0.01 -19.14
CA ASN A 221 -1.31 -0.09 -18.62
C ASN A 221 -1.07 -1.40 -17.84
N ASP A 222 -1.94 -2.37 -18.05
CA ASP A 222 -1.81 -3.72 -17.48
C ASP A 222 -1.87 -3.68 -15.94
N ILE A 223 -2.75 -2.84 -15.41
CA ILE A 223 -3.00 -2.72 -13.99
C ILE A 223 -4.43 -3.24 -13.73
N LYS A 224 -4.55 -4.14 -12.77
CA LYS A 224 -5.84 -4.68 -12.31
C LYS A 224 -6.47 -3.71 -11.36
N VAL A 225 -7.76 -3.82 -11.25
CA VAL A 225 -8.55 -2.88 -10.48
C VAL A 225 -9.46 -3.61 -9.51
N TYR A 226 -9.37 -3.31 -8.19
CA TYR A 226 -10.17 -3.98 -7.19
C TYR A 226 -11.17 -3.04 -6.55
N PHE A 227 -12.38 -3.55 -6.34
CA PHE A 227 -13.47 -2.79 -5.77
C PHE A 227 -13.53 -3.01 -4.26
N ASP A 228 -13.77 -1.97 -3.47
CA ASP A 228 -13.89 -2.09 -2.02
C ASP A 228 -15.35 -2.31 -1.68
N ALA A 229 -15.76 -3.55 -1.54
CA ALA A 229 -17.16 -3.95 -1.34
C ALA A 229 -17.52 -3.92 0.13
N VAL A 230 -18.57 -3.20 0.47
CA VAL A 230 -18.98 -3.04 1.82
C VAL A 230 -20.37 -3.71 1.89
N LEU A 231 -20.34 -4.95 2.34
CA LEU A 231 -21.53 -5.79 2.32
C LEU A 231 -22.24 -5.87 3.68
N ASN A 232 -21.59 -5.41 4.72
CA ASN A 232 -22.10 -5.71 6.05
C ASN A 232 -23.45 -4.96 6.40
N HIS A 233 -23.62 -3.70 5.97
CA HIS A 233 -24.63 -2.83 6.48
C HIS A 233 -25.09 -1.94 5.38
N ARG A 234 -26.19 -1.27 5.70
CA ARG A 234 -26.70 -0.11 4.93
C ARG A 234 -27.07 1.04 5.82
N MET A 235 -26.85 2.23 5.28
CA MET A 235 -27.13 3.44 5.98
C MET A 235 -27.74 4.42 5.01
N GLY A 236 -28.41 5.39 5.59
CA GLY A 236 -29.07 6.49 4.81
C GLY A 236 -30.39 6.06 4.20
N ALA A 237 -31.16 5.28 4.96
CA ALA A 237 -32.39 4.78 4.46
C ALA A 237 -33.29 5.91 3.94
N ASP A 238 -34.09 5.54 2.93
CA ASP A 238 -35.08 6.48 2.38
C ASP A 238 -36.25 6.73 3.34
N TYR A 239 -36.60 5.69 4.11
CA TYR A 239 -37.64 5.81 5.08
C TYR A 239 -37.46 4.87 6.22
N ALA A 240 -38.14 5.19 7.33
CA ALA A 240 -38.13 4.40 8.55
C ALA A 240 -39.39 3.57 8.65
N GLU A 241 -39.26 2.47 9.39
CA GLU A 241 -40.32 1.52 9.63
C GLU A 241 -40.47 1.24 11.08
N THR A 242 -41.69 0.90 11.49
CA THR A 242 -41.94 0.43 12.81
C THR A 242 -41.66 -1.06 12.85
N VAL A 243 -40.80 -1.45 13.77
CA VAL A 243 -40.32 -2.81 13.81
C VAL A 243 -40.37 -3.30 15.22
N LEU A 244 -40.98 -4.49 15.43
CA LEU A 244 -40.92 -5.15 16.71
C LEU A 244 -39.56 -5.84 16.92
N LEU A 245 -38.96 -5.65 18.10
CA LEU A 245 -37.73 -6.37 18.45
C LEU A 245 -38.02 -7.72 19.10
N ASP A 246 -37.15 -8.67 18.79
CA ASP A 246 -37.23 -10.01 19.32
C ASP A 246 -37.14 -10.03 20.85
N GLU A 247 -37.77 -11.02 21.46
CA GLU A 247 -37.58 -11.16 22.90
C GLU A 247 -36.14 -11.51 23.22
N ASN A 248 -35.34 -11.98 22.24
CA ASN A 248 -33.87 -12.28 22.39
C ASN A 248 -33.02 -10.99 22.18
N SER A 249 -33.63 -9.83 21.87
CA SER A 249 -32.81 -8.64 21.63
C SER A 249 -32.08 -8.23 22.89
N ARG A 250 -30.80 -7.82 22.78
CA ARG A 250 -30.05 -7.36 23.92
C ARG A 250 -30.66 -6.15 24.54
N ASP A 251 -31.13 -5.23 23.68
CA ASP A 251 -31.69 -4.02 24.16
C ASP A 251 -33.16 -3.93 23.69
N LYS A 252 -34.00 -3.37 24.54
CA LYS A 252 -35.43 -3.21 24.22
C LYS A 252 -36.15 -4.44 23.70
N PRO A 253 -35.92 -5.63 24.30
CA PRO A 253 -36.57 -6.81 23.76
C PRO A 253 -38.10 -6.67 23.85
N GLY A 254 -38.79 -7.06 22.81
CA GLY A 254 -40.24 -7.02 22.76
C GLY A 254 -40.89 -5.65 22.58
N GLN A 255 -40.09 -4.61 22.34
CA GLN A 255 -40.55 -3.23 22.11
C GLN A 255 -40.54 -2.93 20.65
N TYR A 256 -41.43 -2.04 20.24
CA TYR A 256 -41.40 -1.46 18.92
C TYR A 256 -40.41 -0.31 18.89
N ILE A 257 -39.59 -0.28 17.85
CA ILE A 257 -38.74 0.83 17.55
C ILE A 257 -39.06 1.38 16.18
N LYS A 258 -38.49 2.55 15.89
CA LYS A 258 -38.61 3.11 14.56
C LYS A 258 -37.22 3.04 13.94
N ALA A 259 -37.07 2.17 12.95
CA ALA A 259 -35.76 1.76 12.38
C ALA A 259 -35.62 2.26 10.97
N TRP A 260 -34.41 2.68 10.61
CA TRP A 260 -34.11 3.20 9.29
C TRP A 260 -33.74 2.06 8.37
N THR A 261 -34.78 1.40 7.85
CA THR A 261 -34.66 0.19 7.09
C THR A 261 -35.28 0.14 5.68
N GLY A 262 -35.85 1.28 5.31
CA GLY A 262 -36.55 1.43 4.04
C GLY A 262 -35.69 1.99 2.95
N PHE A 263 -35.32 1.17 1.97
CA PHE A 263 -34.45 1.59 0.84
C PHE A 263 -35.11 1.25 -0.49
N ASN A 264 -35.49 2.31 -1.20
CA ASN A 264 -36.08 2.14 -2.53
C ASN A 264 -35.34 2.80 -3.66
N PHE A 265 -34.31 3.56 -3.34
CA PHE A 265 -33.37 4.07 -4.38
C PHE A 265 -34.16 4.84 -5.48
N PRO A 266 -34.88 5.84 -5.05
CA PRO A 266 -35.75 6.51 -6.03
C PRO A 266 -35.01 7.24 -7.14
N GLY A 267 -33.81 7.72 -6.86
CA GLY A 267 -32.98 8.31 -7.95
C GLY A 267 -32.62 7.36 -9.05
N ARG A 268 -32.44 6.09 -8.70
CA ARG A 268 -32.05 5.09 -9.62
C ARG A 268 -33.21 4.53 -10.42
N ASN A 269 -34.38 4.51 -9.79
CA ASN A 269 -35.66 4.21 -10.44
C ASN A 269 -35.58 2.85 -11.11
N GLY A 270 -34.96 1.88 -10.42
CA GLY A 270 -34.95 0.50 -10.87
C GLY A 270 -33.96 0.04 -11.90
N GLU A 271 -33.07 0.92 -12.34
CA GLU A 271 -32.06 0.56 -13.29
C GLU A 271 -31.17 -0.52 -12.67
N TYR A 272 -30.79 -1.54 -13.45
CA TYR A 272 -29.89 -2.63 -13.08
C TYR A 272 -30.52 -3.67 -12.16
N SER A 273 -31.23 -3.20 -11.13
CA SER A 273 -31.86 -4.05 -10.15
C SER A 273 -33.12 -3.43 -9.62
N ASN A 274 -34.20 -4.21 -9.64
CA ASN A 274 -35.46 -3.77 -9.09
C ASN A 274 -35.62 -4.02 -7.62
N PHE A 275 -34.61 -4.60 -6.99
CA PHE A 275 -34.73 -4.92 -5.57
C PHE A 275 -34.84 -3.70 -4.70
N THR A 276 -35.69 -3.80 -3.70
CA THR A 276 -35.88 -2.80 -2.68
C THR A 276 -35.78 -3.51 -1.32
N TRP A 277 -35.35 -2.72 -0.33
CA TRP A 277 -35.06 -3.23 1.02
C TRP A 277 -36.07 -2.73 2.02
N ASN A 278 -36.43 -3.60 2.96
CA ASN A 278 -37.22 -3.14 4.10
C ASN A 278 -36.74 -3.90 5.34
N GLY A 279 -37.43 -3.76 6.44
CA GLY A 279 -36.94 -4.41 7.67
C GLY A 279 -36.75 -5.89 7.63
N GLN A 280 -37.40 -6.62 6.72
CA GLN A 280 -37.19 -8.05 6.57
C GLN A 280 -35.90 -8.39 5.88
N CYS A 281 -35.17 -7.40 5.40
CA CYS A 281 -33.88 -7.65 4.78
C CYS A 281 -32.70 -7.50 5.78
N PHE A 282 -33.02 -7.08 7.00
CA PHE A 282 -32.03 -6.70 8.04
C PHE A 282 -32.24 -7.52 9.28
N ASP A 283 -31.15 -7.83 10.01
CA ASP A 283 -31.27 -8.44 11.30
C ASP A 283 -31.52 -7.49 12.43
N GLY A 284 -31.02 -6.27 12.29
CA GLY A 284 -31.16 -5.32 13.37
C GLY A 284 -30.49 -4.00 13.05
N THR A 285 -30.38 -3.18 14.05
CA THR A 285 -29.93 -1.80 13.92
C THR A 285 -29.48 -1.30 15.28
N ASP A 286 -28.81 -0.16 15.30
CA ASP A 286 -28.37 0.42 16.54
C ASP A 286 -29.06 1.73 16.87
N TRP A 287 -30.17 2.10 16.20
CA TRP A 287 -30.83 3.34 16.48
C TRP A 287 -32.32 3.16 16.47
N ASP A 288 -32.91 3.73 17.50
CA ASP A 288 -34.40 3.87 17.62
C ASP A 288 -34.80 5.33 17.46
N ASP A 289 -35.49 5.65 16.37
CA ASP A 289 -35.90 7.02 16.15
C ASP A 289 -37.04 7.48 17.03
N TYR A 290 -37.70 6.59 17.75
CA TYR A 290 -38.71 7.06 18.68
C TYR A 290 -38.04 7.65 19.92
N SER A 291 -37.28 6.83 20.62
CA SER A 291 -36.60 7.20 21.89
C SER A 291 -35.32 7.96 21.65
N LYS A 292 -34.81 7.94 20.43
CA LYS A 292 -33.54 8.60 20.09
C LYS A 292 -32.44 8.03 20.99
N GLU A 293 -32.41 6.70 21.08
CA GLU A 293 -31.47 5.97 21.91
C GLU A 293 -30.79 4.92 21.06
N SER A 294 -29.46 4.90 21.19
CA SER A 294 -28.63 3.84 20.61
C SER A 294 -28.70 2.57 21.40
N GLY A 295 -28.45 1.49 20.73
CA GLY A 295 -28.52 0.18 21.33
C GLY A 295 -28.11 -0.90 20.34
N LYS A 296 -28.26 -2.14 20.72
CA LYS A 296 -28.06 -3.25 19.81
C LYS A 296 -29.39 -3.96 19.73
N TYR A 297 -30.12 -3.69 18.64
CA TYR A 297 -31.53 -4.09 18.52
C TYR A 297 -31.71 -5.20 17.49
N LEU A 298 -32.20 -6.36 17.92
CA LEU A 298 -32.44 -7.48 17.05
C LEU A 298 -33.94 -7.52 16.68
N PHE A 299 -34.25 -7.56 15.39
CA PHE A 299 -35.64 -7.57 14.94
C PHE A 299 -36.32 -8.90 15.22
N ASP A 300 -37.64 -8.85 15.43
CA ASP A 300 -38.43 -10.02 15.74
C ASP A 300 -38.23 -11.04 14.65
N GLU A 301 -38.06 -12.27 15.13
CA GLU A 301 -37.85 -13.46 14.35
C GLU A 301 -36.53 -13.50 13.58
N LYS A 302 -35.70 -12.51 13.76
CA LYS A 302 -34.38 -12.55 13.12
C LYS A 302 -33.38 -13.19 14.07
N SER A 303 -32.25 -13.55 13.51
CA SER A 303 -31.16 -14.06 14.31
C SER A 303 -29.86 -13.53 13.70
N TRP A 304 -28.89 -13.23 14.53
CA TRP A 304 -27.60 -12.81 14.00
C TRP A 304 -27.03 -13.98 13.19
N ASP A 305 -26.38 -13.62 12.10
CA ASP A 305 -25.84 -14.55 11.16
C ASP A 305 -24.60 -15.23 11.78
N TRP A 306 -24.15 -16.31 11.14
CA TRP A 306 -23.03 -17.11 11.67
C TRP A 306 -21.76 -16.37 11.34
N THR A 307 -20.97 -16.05 12.38
CA THR A 307 -19.67 -15.41 12.24
C THR A 307 -18.64 -16.21 12.98
N TYR A 308 -17.37 -16.00 12.60
CA TYR A 308 -16.27 -16.77 13.16
C TYR A 308 -16.28 -16.60 14.67
N ASN A 309 -16.36 -15.37 15.18
CA ASN A 309 -16.49 -15.10 16.58
C ASN A 309 -17.94 -15.02 16.90
N TRP A 310 -18.32 -15.57 18.03
CA TRP A 310 -19.71 -15.53 18.46
C TRP A 310 -20.25 -14.09 18.57
N ASP A 311 -21.42 -13.90 17.97
CA ASP A 311 -22.12 -12.61 18.14
C ASP A 311 -21.34 -11.40 17.61
N GLU A 312 -20.61 -11.58 16.52
CA GLU A 312 -19.92 -10.46 15.90
C GLU A 312 -20.63 -10.00 14.59
N ASP A 313 -21.81 -10.51 14.31
CA ASP A 313 -22.51 -10.01 13.10
C ASP A 313 -22.78 -8.48 13.20
N TYR A 314 -23.24 -7.93 14.34
CA TYR A 314 -23.63 -6.57 14.40
C TYR A 314 -22.41 -5.70 14.57
N LEU A 315 -22.25 -4.69 13.71
CA LEU A 315 -21.18 -3.67 13.83
C LEU A 315 -21.78 -2.25 13.88
N MET A 316 -22.52 -1.88 12.85
CA MET A 316 -23.07 -0.58 12.70
C MET A 316 -24.19 -0.60 11.69
N GLY A 317 -24.93 0.50 11.59
CA GLY A 317 -25.94 0.66 10.58
C GLY A 317 -27.08 -0.33 10.70
N ALA A 318 -27.80 -0.53 9.61
CA ALA A 318 -28.83 -1.51 9.53
C ALA A 318 -28.05 -2.74 9.05
N ASP A 319 -28.02 -3.85 9.83
CA ASP A 319 -27.19 -5.02 9.55
C ASP A 319 -27.91 -5.92 8.58
N VAL A 320 -27.25 -6.25 7.49
CA VAL A 320 -27.86 -7.07 6.45
C VAL A 320 -28.10 -8.46 7.00
N ASP A 321 -29.29 -9.04 6.69
CA ASP A 321 -29.63 -10.40 7.03
C ASP A 321 -29.26 -11.30 5.90
N TYR A 322 -28.08 -11.94 5.95
CA TYR A 322 -27.64 -12.79 4.86
C TYR A 322 -28.24 -14.18 4.94
N GLU A 323 -29.15 -14.43 5.81
CA GLU A 323 -30.04 -15.58 5.76
C GLU A 323 -31.27 -15.37 4.85
N ASN A 324 -31.54 -14.13 4.45
CA ASN A 324 -32.61 -13.81 3.53
C ASN A 324 -32.17 -14.09 2.10
N GLU A 325 -32.90 -14.97 1.41
CA GLU A 325 -32.45 -15.42 0.12
C GLU A 325 -32.53 -14.34 -0.94
N ALA A 326 -33.56 -13.48 -0.91
CA ALA A 326 -33.66 -12.41 -1.89
C ALA A 326 -32.50 -11.43 -1.77
N VAL A 327 -32.10 -11.15 -0.52
CA VAL A 327 -30.93 -10.30 -0.27
C VAL A 327 -29.72 -10.96 -0.87
N GLN A 328 -29.49 -12.25 -0.57
CA GLN A 328 -28.33 -12.96 -1.11
C GLN A 328 -28.26 -12.86 -2.62
N ASN A 329 -29.43 -13.01 -3.25
CA ASN A 329 -29.48 -13.01 -4.70
C ASN A 329 -29.14 -11.65 -5.29
N ASP A 330 -29.60 -10.59 -4.68
CA ASP A 330 -29.30 -9.28 -5.22
C ASP A 330 -27.82 -8.96 -5.08
N VAL A 331 -27.27 -9.32 -3.91
CA VAL A 331 -25.85 -9.00 -3.66
C VAL A 331 -24.91 -9.88 -4.54
N ILE A 332 -25.28 -11.13 -4.79
CA ILE A 332 -24.58 -11.97 -5.75
C ILE A 332 -24.67 -11.36 -7.15
N ASP A 333 -25.88 -10.95 -7.57
CA ASP A 333 -26.04 -10.32 -8.86
C ASP A 333 -25.13 -9.09 -9.00
N TRP A 334 -25.04 -8.33 -7.93
CA TRP A 334 -24.22 -7.09 -7.90
C TRP A 334 -22.75 -7.46 -8.11
N GLY A 335 -22.28 -8.45 -7.37
CA GLY A 335 -20.87 -8.89 -7.53
C GLY A 335 -20.48 -9.32 -8.90
N GLN A 336 -21.41 -10.05 -9.51
CA GLN A 336 -21.26 -10.49 -10.88
C GLN A 336 -21.24 -9.36 -11.86
N TRP A 337 -22.08 -8.39 -11.64
CA TRP A 337 -22.17 -7.12 -12.42
C TRP A 337 -20.83 -6.37 -12.36
N ILE A 338 -20.31 -6.21 -11.14
CA ILE A 338 -19.08 -5.47 -10.99
C ILE A 338 -17.94 -6.05 -11.79
N ILE A 339 -17.83 -7.37 -11.78
CA ILE A 339 -16.76 -8.02 -12.54
C ILE A 339 -17.09 -8.08 -14.04
N ASN A 340 -18.26 -8.56 -14.40
CA ASN A 340 -18.55 -8.87 -15.81
C ASN A 340 -19.09 -7.74 -16.64
N ASN A 341 -19.67 -6.77 -16.04
CA ASN A 341 -20.17 -5.61 -16.75
C ASN A 341 -19.34 -4.36 -16.54
N ILE A 342 -18.86 -4.14 -15.32
CA ILE A 342 -18.08 -2.94 -15.02
C ILE A 342 -16.61 -3.20 -15.16
N ASP A 343 -16.21 -4.47 -15.28
CA ASP A 343 -14.86 -4.90 -15.69
C ASP A 343 -13.81 -4.79 -14.57
N PHE A 344 -14.25 -4.76 -13.30
CA PHE A 344 -13.31 -4.96 -12.23
C PHE A 344 -12.64 -6.34 -12.24
N ASP A 345 -11.51 -6.48 -11.50
CA ASP A 345 -10.72 -7.67 -11.46
C ASP A 345 -10.76 -8.36 -10.12
N GLY A 346 -11.39 -7.76 -9.14
CA GLY A 346 -11.41 -8.37 -7.80
C GLY A 346 -11.98 -7.43 -6.79
N PHE A 347 -11.88 -7.83 -5.52
CA PHE A 347 -12.52 -7.14 -4.44
C PHE A 347 -11.69 -7.12 -3.17
N ARG A 348 -11.84 -6.06 -2.38
CA ARG A 348 -11.57 -6.07 -0.94
C ARG A 348 -12.90 -6.27 -0.30
N LEU A 349 -13.06 -7.20 0.62
CA LEU A 349 -14.29 -7.41 1.39
C LEU A 349 -14.14 -6.79 2.77
N ASP A 350 -14.67 -5.60 2.90
CA ASP A 350 -14.66 -4.80 4.12
C ASP A 350 -15.36 -5.54 5.23
N ALA A 351 -14.79 -5.46 6.43
CA ALA A 351 -15.57 -5.91 7.61
C ALA A 351 -15.95 -7.40 7.50
N VAL A 352 -15.07 -8.24 6.91
CA VAL A 352 -15.41 -9.58 6.51
C VAL A 352 -15.77 -10.43 7.69
N LYS A 353 -15.22 -10.15 8.85
CA LYS A 353 -15.53 -10.99 9.98
C LYS A 353 -16.88 -10.80 10.57
N HIS A 354 -17.57 -9.76 10.10
CA HIS A 354 -18.89 -9.37 10.58
C HIS A 354 -19.98 -9.79 9.61
N ILE A 355 -19.63 -10.55 8.62
CA ILE A 355 -20.57 -11.04 7.57
C ILE A 355 -20.65 -12.58 7.60
N ASP A 356 -21.87 -13.10 7.56
CA ASP A 356 -22.11 -14.53 7.57
C ASP A 356 -21.06 -15.24 6.74
N TYR A 357 -20.27 -16.11 7.35
CA TYR A 357 -19.22 -16.81 6.61
C TYR A 357 -19.73 -17.79 5.56
N ARG A 358 -20.93 -18.31 5.75
CA ARG A 358 -21.57 -19.07 4.74
C ARG A 358 -21.86 -18.27 3.49
N PHE A 359 -22.34 -17.05 3.71
CA PHE A 359 -22.65 -16.11 2.60
C PHE A 359 -21.34 -15.69 1.91
N ILE A 360 -20.34 -15.33 2.67
CA ILE A 360 -19.07 -14.92 2.05
C ILE A 360 -18.59 -16.01 1.09
N ASP A 361 -18.58 -17.25 1.56
CA ASP A 361 -18.14 -18.32 0.72
C ASP A 361 -19.02 -18.46 -0.53
N LYS A 362 -20.33 -18.45 -0.34
CA LYS A 362 -21.27 -18.64 -1.46
C LYS A 362 -21.15 -17.50 -2.49
N TRP A 363 -21.07 -16.26 -2.03
CA TRP A 363 -20.87 -15.09 -2.87
C TRP A 363 -19.54 -15.21 -3.65
N MET A 364 -18.45 -15.49 -2.96
CA MET A 364 -17.20 -15.61 -3.67
C MET A 364 -17.24 -16.64 -4.77
N SER A 365 -17.82 -17.81 -4.47
CA SER A 365 -17.78 -18.88 -5.47
C SER A 365 -18.71 -18.49 -6.63
N ALA A 366 -19.85 -17.85 -6.35
CA ALA A 366 -20.78 -17.47 -7.38
C ALA A 366 -20.18 -16.38 -8.27
N VAL A 367 -19.44 -15.45 -7.69
CA VAL A 367 -18.80 -14.43 -8.49
C VAL A 367 -17.67 -15.06 -9.32
N GLN A 368 -16.85 -15.87 -8.69
CA GLN A 368 -15.73 -16.57 -9.40
C GLN A 368 -16.25 -17.44 -10.56
N ASN A 369 -17.33 -18.14 -10.29
CA ASN A 369 -17.86 -19.04 -11.28
C ASN A 369 -18.52 -18.37 -12.43
N SER A 370 -18.77 -17.07 -12.32
CA SER A 370 -19.53 -16.34 -13.36
C SER A 370 -18.68 -15.92 -14.54
N SER A 371 -17.37 -16.02 -14.43
CA SER A 371 -16.47 -15.54 -15.47
C SER A 371 -15.21 -16.35 -15.55
N ASN A 372 -14.58 -16.38 -16.73
CA ASN A 372 -13.26 -17.05 -16.81
C ASN A 372 -12.10 -16.26 -16.20
N ARG A 373 -12.32 -14.99 -15.92
N ARG A 373 -12.33 -14.99 -15.90
CA ARG A 373 -11.35 -14.14 -15.24
CA ARG A 373 -11.35 -14.17 -15.21
C ARG A 373 -11.08 -14.70 -13.84
C ARG A 373 -11.06 -14.77 -13.84
N ASP A 374 -9.82 -14.73 -13.38
CA ASP A 374 -9.51 -15.25 -12.04
C ASP A 374 -9.63 -14.10 -11.06
N VAL A 375 -10.82 -13.97 -10.49
CA VAL A 375 -11.17 -12.86 -9.63
C VAL A 375 -10.34 -12.94 -8.34
N PHE A 376 -9.78 -11.79 -7.94
CA PHE A 376 -8.97 -11.65 -6.71
C PHE A 376 -9.89 -11.30 -5.57
N PHE A 377 -9.72 -11.93 -4.41
CA PHE A 377 -10.48 -11.52 -3.25
C PHE A 377 -9.54 -11.38 -2.03
N VAL A 378 -9.70 -10.27 -1.30
CA VAL A 378 -8.98 -10.09 -0.04
C VAL A 378 -9.97 -9.61 0.97
N GLY A 379 -10.08 -10.26 2.08
CA GLY A 379 -10.84 -9.83 3.20
C GLY A 379 -10.07 -9.06 4.21
N GLU A 380 -10.80 -8.11 4.76
CA GLU A 380 -10.32 -7.34 5.91
C GLU A 380 -10.89 -7.94 7.18
N ALA A 381 -10.09 -8.81 7.79
CA ALA A 381 -10.46 -9.46 9.05
C ALA A 381 -9.45 -8.96 10.07
N TRP A 382 -9.92 -7.98 10.89
CA TRP A 382 -8.97 -7.30 11.78
C TRP A 382 -8.76 -8.16 13.00
N VAL A 383 -7.74 -9.03 12.88
CA VAL A 383 -7.41 -10.10 13.83
C VAL A 383 -5.89 -10.00 13.91
N GLU A 384 -5.31 -9.68 15.07
CA GLU A 384 -3.86 -9.54 15.17
C GLU A 384 -3.06 -10.79 15.58
N ASP A 385 -3.72 -11.85 16.04
CA ASP A 385 -3.08 -13.12 16.34
C ASP A 385 -3.17 -14.02 15.12
N VAL A 386 -2.01 -14.55 14.71
N VAL A 386 -2.02 -14.56 14.71
CA VAL A 386 -1.93 -15.39 13.53
CA VAL A 386 -1.96 -15.33 13.52
C VAL A 386 -2.85 -16.60 13.64
C VAL A 386 -2.82 -16.61 13.62
N ASP A 387 -2.86 -17.23 14.81
CA ASP A 387 -3.67 -18.42 14.95
C ASP A 387 -5.16 -18.13 14.79
N ASP A 388 -5.60 -17.02 15.32
CA ASP A 388 -6.98 -16.58 15.12
C ASP A 388 -7.31 -16.29 13.65
N LEU A 389 -6.38 -15.66 12.94
CA LEU A 389 -6.60 -15.38 11.55
C LEU A 389 -6.63 -16.67 10.67
N LYS A 390 -5.76 -17.63 10.94
CA LYS A 390 -5.81 -18.99 10.31
C LYS A 390 -7.16 -19.63 10.59
N GLY A 391 -7.63 -19.51 11.82
CA GLY A 391 -8.93 -20.06 12.16
C GLY A 391 -10.07 -19.45 11.38
N PHE A 392 -10.02 -18.14 11.22
CA PHE A 392 -11.00 -17.46 10.38
C PHE A 392 -11.03 -18.02 8.97
N LEU A 393 -9.85 -18.07 8.37
CA LEU A 393 -9.74 -18.67 7.01
C LEU A 393 -10.29 -20.10 6.92
N ASP A 394 -9.94 -20.90 7.91
CA ASP A 394 -10.46 -22.24 8.00
C ASP A 394 -11.98 -22.29 8.08
N THR A 395 -12.54 -21.33 8.78
CA THR A 395 -13.98 -21.31 8.97
C THR A 395 -14.77 -20.86 7.72
N VAL A 396 -14.25 -19.88 7.01
CA VAL A 396 -14.93 -19.46 5.75
C VAL A 396 -14.70 -20.64 4.76
N GLY A 397 -13.53 -21.32 4.68
CA GLY A 397 -13.25 -22.51 3.84
C GLY A 397 -13.31 -22.25 2.38
N ASN A 398 -13.03 -21.01 1.91
CA ASN A 398 -13.01 -20.76 0.46
C ASN A 398 -11.54 -20.58 0.02
N PRO A 399 -11.03 -21.48 -0.85
CA PRO A 399 -9.64 -21.38 -1.18
C PRO A 399 -9.17 -20.05 -1.78
N ASP A 400 -10.07 -19.28 -2.38
CA ASP A 400 -9.69 -18.01 -3.00
C ASP A 400 -9.58 -16.85 -2.00
N LEU A 401 -9.96 -17.00 -0.75
CA LEU A 401 -9.98 -15.85 0.14
C LEU A 401 -8.60 -15.61 0.74
N ARG A 402 -8.05 -14.46 0.39
CA ARG A 402 -6.85 -13.92 1.03
C ARG A 402 -7.29 -12.99 2.16
N VAL A 403 -6.34 -12.60 3.05
CA VAL A 403 -6.71 -11.64 4.08
C VAL A 403 -5.52 -10.64 4.34
N PHE A 404 -5.86 -9.43 4.82
CA PHE A 404 -4.79 -8.54 5.17
C PHE A 404 -3.97 -9.11 6.36
N ASP A 405 -2.67 -8.93 6.34
CA ASP A 405 -1.83 -9.52 7.39
C ASP A 405 -1.70 -8.56 8.57
N PHE A 406 -2.78 -8.39 9.29
CA PHE A 406 -2.74 -7.62 10.52
C PHE A 406 -1.72 -8.19 11.53
N PRO A 407 -1.60 -9.53 11.64
CA PRO A 407 -0.59 -10.06 12.57
C PRO A 407 0.81 -9.51 12.25
N LEU A 408 1.21 -9.57 10.98
CA LEU A 408 2.57 -9.03 10.64
C LEU A 408 2.65 -7.56 11.01
N ARG A 409 1.60 -6.78 10.77
CA ARG A 409 1.63 -5.36 11.11
C ARG A 409 1.82 -5.13 12.63
N SER A 410 1.37 -6.06 13.47
CA SER A 410 1.63 -5.94 14.89
C SER A 410 3.14 -5.95 15.20
N PHE A 411 3.93 -6.62 14.39
CA PHE A 411 5.42 -6.59 14.56
C PHE A 411 5.95 -5.23 14.23
N PHE A 412 5.42 -4.60 13.18
CA PHE A 412 5.82 -3.22 12.86
C PHE A 412 5.48 -2.23 13.96
N VAL A 413 4.39 -2.48 14.67
CA VAL A 413 4.02 -1.63 15.80
C VAL A 413 5.09 -1.89 16.90
N ASP A 414 5.46 -3.12 17.16
CA ASP A 414 6.53 -3.47 18.14
C ASP A 414 7.79 -2.67 17.77
N MET A 415 8.14 -2.64 16.51
CA MET A 415 9.36 -1.97 16.07
C MET A 415 9.41 -0.49 16.37
N LEU A 416 8.28 0.14 16.66
CA LEU A 416 8.26 1.59 16.89
C LEU A 416 9.19 2.01 18.04
N ASN A 417 9.24 1.21 19.08
CA ASN A 417 10.16 1.49 20.21
C ASN A 417 11.21 0.43 20.36
N GLY A 418 11.48 -0.40 19.34
CA GLY A 418 12.42 -1.45 19.30
C GLY A 418 11.77 -2.80 19.51
N ALA A 419 12.09 -3.68 18.64
CA ALA A 419 11.67 -5.06 18.66
C ALA A 419 12.85 -6.03 18.69
N TYR A 420 12.58 -7.31 18.78
CA TYR A 420 13.60 -8.31 18.68
C TYR A 420 13.63 -8.82 17.23
N MET A 421 14.49 -8.17 16.44
CA MET A 421 14.34 -8.22 14.96
C MET A 421 14.45 -9.60 14.36
N ALA A 422 15.18 -10.53 14.99
CA ALA A 422 15.34 -11.87 14.50
C ALA A 422 13.93 -12.55 14.40
N ASP A 423 13.00 -12.06 15.19
CA ASP A 423 11.65 -12.68 15.18
C ASP A 423 10.85 -12.39 13.91
N LEU A 424 11.37 -11.53 13.05
CA LEU A 424 10.73 -11.35 11.72
C LEU A 424 10.79 -12.60 10.90
N ARG A 425 11.62 -13.58 11.26
CA ARG A 425 11.67 -14.86 10.56
C ARG A 425 10.30 -15.56 10.65
N ASN A 426 9.57 -15.33 11.72
CA ASN A 426 8.35 -16.09 12.03
C ASN A 426 7.09 -15.24 12.13
N ALA A 427 7.17 -13.97 11.81
CA ALA A 427 6.07 -13.03 12.06
C ALA A 427 5.01 -13.09 10.97
N GLY A 428 3.75 -12.97 11.38
CA GLY A 428 2.70 -12.75 10.43
C GLY A 428 2.09 -13.98 9.80
N LEU A 429 0.94 -13.83 9.17
CA LEU A 429 0.39 -14.88 8.34
C LEU A 429 1.32 -15.23 7.20
N VAL A 430 2.09 -14.23 6.71
CA VAL A 430 2.95 -14.44 5.58
C VAL A 430 4.03 -15.44 5.94
N ASN A 431 4.26 -15.71 7.20
CA ASN A 431 5.19 -16.77 7.62
C ASN A 431 4.58 -18.03 8.26
N SER A 432 3.31 -18.22 8.04
N SER A 432 3.29 -18.20 8.14
CA SER A 432 2.57 -19.35 8.58
CA SER A 432 2.58 -19.35 8.72
C SER A 432 2.46 -20.46 7.55
C SER A 432 2.41 -20.45 7.67
N PRO A 433 3.07 -21.61 7.84
CA PRO A 433 3.03 -22.65 6.83
C PRO A 433 1.62 -23.05 6.38
N GLY A 434 1.40 -23.11 5.08
CA GLY A 434 0.07 -23.40 4.49
C GLY A 434 -0.80 -22.18 4.21
N TYR A 435 -0.43 -21.02 4.77
CA TYR A 435 -1.25 -19.82 4.63
C TYR A 435 -0.50 -18.63 4.07
N GLU A 436 0.79 -18.77 3.79
CA GLU A 436 1.64 -17.66 3.40
C GLU A 436 1.10 -16.98 2.16
N ASN A 437 0.63 -17.77 1.19
CA ASN A 437 0.19 -17.29 -0.11
C ASN A 437 -1.16 -16.53 0.02
N ARG A 438 -1.87 -16.64 1.16
CA ARG A 438 -3.13 -15.94 1.37
C ARG A 438 -2.93 -14.70 2.15
N ALA A 439 -1.69 -14.28 2.43
CA ALA A 439 -1.46 -12.99 3.10
C ALA A 439 -1.37 -11.87 2.09
N VAL A 440 -2.08 -10.78 2.39
CA VAL A 440 -1.92 -9.50 1.70
C VAL A 440 -1.24 -8.62 2.74
N THR A 441 0.04 -8.34 2.51
CA THR A 441 0.81 -7.65 3.51
C THR A 441 0.73 -6.14 3.29
N PHE A 442 0.91 -5.41 4.36
CA PHE A 442 0.74 -3.96 4.36
C PHE A 442 1.39 -3.37 5.58
N VAL A 443 1.60 -2.05 5.51
CA VAL A 443 2.15 -1.34 6.66
C VAL A 443 1.16 -0.42 7.35
N ASP A 444 0.40 0.36 6.59
CA ASP A 444 -0.66 1.17 7.11
C ASP A 444 -1.79 1.22 6.09
N ASN A 445 -2.94 1.61 6.58
CA ASN A 445 -4.10 1.88 5.74
C ASN A 445 -4.92 3.06 6.28
N HIS A 446 -6.08 3.25 5.71
CA HIS A 446 -6.91 4.40 6.07
C HIS A 446 -7.47 4.31 7.44
N ASP A 447 -7.45 3.17 8.12
CA ASP A 447 -7.92 3.05 9.47
C ASP A 447 -6.78 3.14 10.50
N THR A 448 -5.60 2.73 10.09
CA THR A 448 -4.47 2.70 11.03
C THR A 448 -3.63 3.95 10.99
N ASP A 449 -3.78 4.75 9.93
CA ASP A 449 -3.02 6.01 9.76
C ASP A 449 -3.97 7.05 9.31
N ARG A 450 -4.68 7.64 10.27
CA ARG A 450 -5.47 8.82 10.01
C ARG A 450 -5.21 9.84 11.03
N ASP A 451 -5.62 11.06 10.70
CA ASP A 451 -5.29 12.19 11.52
C ASP A 451 -5.99 12.19 12.85
N GLU A 452 -7.27 11.87 12.85
CA GLU A 452 -8.03 11.94 14.07
C GLU A 452 -8.89 10.73 14.03
N GLY A 453 -9.05 10.09 15.19
CA GLY A 453 -9.94 8.96 15.31
C GLY A 453 -9.37 7.73 14.64
N SER A 454 -8.03 7.66 14.53
CA SER A 454 -7.31 6.42 14.19
C SER A 454 -7.75 5.41 15.25
N TYR A 455 -7.73 4.13 14.88
CA TYR A 455 -8.00 2.97 15.78
C TYR A 455 -6.72 2.28 16.42
N THR A 456 -5.55 2.72 16.02
CA THR A 456 -4.29 2.17 16.46
C THR A 456 -3.28 3.28 16.18
N VAL A 457 -2.07 3.12 16.68
CA VAL A 457 -1.01 4.03 16.30
C VAL A 457 -0.59 3.69 14.85
N SER A 458 -0.15 4.69 14.09
CA SER A 458 0.42 4.47 12.77
C SER A 458 1.89 3.97 12.87
N ILE A 459 2.43 3.52 11.76
CA ILE A 459 3.83 3.12 11.74
C ILE A 459 4.59 4.42 11.41
N TYR A 460 4.77 5.23 12.46
CA TYR A 460 5.32 6.60 12.34
C TYR A 460 6.85 6.64 12.32
N SER A 461 7.50 5.49 12.56
CA SER A 461 8.95 5.36 12.48
C SER A 461 9.26 3.98 11.95
N ARG A 462 10.36 3.89 11.22
CA ARG A 462 10.86 2.69 10.64
C ARG A 462 9.88 2.09 9.60
N LYS A 463 9.16 2.98 8.96
CA LYS A 463 8.20 2.57 7.90
C LYS A 463 8.93 2.04 6.69
N TYR A 464 10.08 2.66 6.33
CA TYR A 464 10.80 2.08 5.21
C TYR A 464 11.25 0.62 5.40
N GLN A 465 11.73 0.31 6.62
CA GLN A 465 12.14 -1.01 6.94
C GLN A 465 10.97 -2.01 6.76
N ALA A 466 9.81 -1.56 7.24
CA ALA A 466 8.59 -2.39 7.10
C ALA A 466 8.29 -2.63 5.61
N TYR A 467 8.29 -1.55 4.82
CA TYR A 467 8.09 -1.74 3.39
C TYR A 467 9.12 -2.62 2.72
N ALA A 468 10.39 -2.41 3.12
CA ALA A 468 11.39 -3.24 2.54
C ALA A 468 11.16 -4.74 2.81
N TYR A 469 10.71 -5.04 4.02
CA TYR A 469 10.40 -6.39 4.38
C TYR A 469 9.24 -6.97 3.52
N ILE A 470 8.16 -6.22 3.37
CA ILE A 470 7.04 -6.86 2.63
C ILE A 470 7.31 -6.87 1.15
N LEU A 471 8.03 -5.88 0.62
CA LEU A 471 8.22 -5.82 -0.81
C LEU A 471 9.24 -6.80 -1.35
N THR A 472 10.20 -7.27 -0.52
CA THR A 472 11.17 -8.23 -0.96
C THR A 472 10.76 -9.68 -0.72
N ARG A 473 9.66 -9.93 0.00
CA ARG A 473 9.35 -11.27 0.42
C ARG A 473 8.86 -12.12 -0.70
N ALA A 474 9.21 -13.39 -0.62
CA ALA A 474 8.83 -14.33 -1.68
C ALA A 474 7.35 -14.71 -1.61
N GLU A 475 6.70 -14.50 -0.46
CA GLU A 475 5.28 -14.83 -0.24
C GLU A 475 4.48 -13.60 0.06
N GLY A 476 3.19 -13.75 -0.17
CA GLY A 476 2.24 -12.67 0.09
C GLY A 476 2.15 -11.75 -1.10
N VAL A 477 1.15 -10.90 -1.08
CA VAL A 477 1.06 -9.78 -2.03
C VAL A 477 1.08 -8.50 -1.22
N PRO A 478 2.13 -7.64 -1.43
CA PRO A 478 2.21 -6.44 -0.64
C PRO A 478 1.43 -5.29 -1.20
N THR A 479 1.04 -4.39 -0.31
CA THR A 479 0.19 -3.24 -0.61
C THR A 479 0.92 -1.98 -0.14
N VAL A 480 1.00 -1.00 -1.03
CA VAL A 480 1.50 0.37 -0.66
C VAL A 480 0.38 1.36 -0.43
N TYR A 481 0.42 2.13 0.64
CA TYR A 481 -0.63 3.05 1.01
C TYR A 481 -0.42 4.36 0.32
N TRP A 482 -1.47 4.86 -0.35
CA TRP A 482 -1.36 6.13 -1.05
C TRP A 482 -0.86 7.26 -0.13
N LYS A 483 -1.28 7.30 1.11
CA LYS A 483 -0.87 8.42 1.96
C LYS A 483 0.65 8.38 2.12
N ASP A 484 1.25 7.21 2.30
CA ASP A 484 2.70 7.15 2.44
C ASP A 484 3.37 7.64 1.17
N TYR A 485 2.85 7.21 0.01
CA TYR A 485 3.55 7.38 -1.27
C TYR A 485 3.45 8.85 -1.71
N TYR A 486 2.25 9.43 -1.64
CA TYR A 486 2.03 10.75 -2.19
C TYR A 486 1.87 11.90 -1.22
N ILE A 487 1.53 11.62 0.02
CA ILE A 487 1.16 12.64 0.98
C ILE A 487 2.24 12.85 2.02
N TRP A 488 2.76 11.75 2.58
CA TRP A 488 3.89 11.80 3.46
C TRP A 488 5.22 11.89 2.69
N GLU A 489 5.12 11.83 1.37
CA GLU A 489 6.23 12.06 0.47
C GLU A 489 7.35 11.05 0.63
N MET A 490 6.94 9.81 0.75
CA MET A 490 7.92 8.74 0.77
C MET A 490 8.21 8.08 -0.58
N LYS A 491 7.69 8.65 -1.65
CA LYS A 491 7.84 8.17 -2.98
C LYS A 491 9.26 7.90 -3.34
N GLU A 492 10.16 8.84 -3.07
CA GLU A 492 11.53 8.62 -3.57
C GLU A 492 12.16 7.36 -2.97
N GLY A 493 12.01 7.11 -1.67
CA GLY A 493 12.54 5.93 -1.09
C GLY A 493 11.75 4.69 -1.47
N LEU A 494 10.45 4.79 -1.51
CA LEU A 494 9.61 3.68 -1.88
C LEU A 494 9.87 3.25 -3.30
N ASP A 495 10.13 4.22 -4.20
CA ASP A 495 10.46 3.81 -5.57
C ASP A 495 11.68 2.91 -5.69
N LYS A 496 12.68 3.11 -4.80
CA LYS A 496 13.81 2.21 -4.82
C LYS A 496 13.43 0.74 -4.45
N LEU A 497 12.56 0.65 -3.45
CA LEU A 497 12.06 -0.61 -2.97
C LEU A 497 11.20 -1.28 -4.03
N LEU A 498 10.41 -0.46 -4.71
CA LEU A 498 9.59 -1.00 -5.80
C LEU A 498 10.46 -1.45 -6.96
N THR A 499 11.57 -0.77 -7.23
CA THR A 499 12.54 -1.29 -8.19
C THR A 499 13.09 -2.64 -7.79
N ALA A 500 13.46 -2.78 -6.53
CA ALA A 500 13.91 -4.05 -6.03
C ALA A 500 12.86 -5.14 -6.31
N ARG A 501 11.63 -4.86 -5.95
CA ARG A 501 10.58 -5.86 -6.14
C ARG A 501 10.40 -6.17 -7.61
N ARG A 502 10.34 -5.16 -8.44
CA ARG A 502 10.00 -5.40 -9.86
C ARG A 502 11.05 -6.21 -10.57
N TYR A 503 12.33 -5.97 -10.27
CA TYR A 503 13.39 -6.57 -11.03
C TYR A 503 14.29 -7.63 -10.38
N TYR A 504 14.33 -7.63 -9.04
CA TYR A 504 15.25 -8.42 -8.29
C TYR A 504 14.71 -9.46 -7.34
N ALA A 505 13.51 -9.23 -6.79
CA ALA A 505 12.95 -10.08 -5.75
C ALA A 505 12.31 -11.29 -6.32
N TYR A 506 13.15 -12.21 -6.73
CA TYR A 506 12.72 -13.42 -7.46
C TYR A 506 13.49 -14.66 -6.98
N GLY A 507 12.87 -15.79 -7.28
CA GLY A 507 13.49 -17.07 -6.89
C GLY A 507 13.16 -17.38 -5.44
N PRO A 508 13.65 -18.50 -4.94
CA PRO A 508 13.40 -18.80 -3.54
C PRO A 508 13.96 -17.78 -2.54
N GLY A 509 13.34 -17.75 -1.38
CA GLY A 509 13.73 -16.91 -0.25
C GLY A 509 14.41 -17.80 0.77
N TYR A 510 15.45 -17.27 1.37
CA TYR A 510 16.21 -17.95 2.42
C TYR A 510 16.36 -17.07 3.63
N GLU A 511 16.18 -17.68 4.80
CA GLU A 511 16.52 -17.05 6.05
C GLU A 511 17.99 -17.24 6.35
N VAL A 512 18.49 -16.38 7.20
CA VAL A 512 19.91 -16.41 7.61
C VAL A 512 20.05 -16.87 9.03
N ASP A 513 21.28 -17.22 9.42
CA ASP A 513 21.47 -17.73 10.78
C ASP A 513 22.14 -16.77 11.78
N ASN A 514 22.30 -15.52 11.41
CA ASN A 514 22.93 -14.54 12.26
C ASN A 514 22.10 -13.30 12.49
N ASN A 515 20.77 -13.43 12.40
CA ASN A 515 19.95 -12.36 12.87
C ASN A 515 20.11 -12.16 14.36
N ASP A 516 19.76 -11.01 14.83
CA ASP A 516 19.92 -10.69 16.21
C ASP A 516 18.85 -9.73 16.70
N ALA A 517 18.98 -9.16 17.86
CA ALA A 517 18.00 -8.24 18.38
C ALA A 517 17.71 -7.02 17.51
N ASP A 518 18.75 -6.62 16.76
CA ASP A 518 18.67 -5.36 16.01
C ASP A 518 18.78 -5.48 14.50
N ILE A 519 19.14 -6.61 13.97
CA ILE A 519 19.29 -6.82 12.49
C ILE A 519 18.59 -8.09 12.04
N TYR A 520 17.79 -7.94 10.97
CA TYR A 520 17.18 -9.04 10.27
C TYR A 520 17.68 -8.94 8.82
N SER A 521 18.07 -10.06 8.26
CA SER A 521 18.53 -10.17 6.87
C SER A 521 17.75 -11.28 6.19
N TYR A 522 17.72 -11.24 4.86
CA TYR A 522 16.88 -12.14 4.09
C TYR A 522 17.45 -12.20 2.68
N VAL A 523 17.42 -13.36 2.05
CA VAL A 523 18.01 -13.58 0.73
C VAL A 523 17.02 -14.04 -0.29
N ARG A 524 17.00 -13.42 -1.47
CA ARG A 524 16.29 -14.00 -2.63
C ARG A 524 17.36 -14.41 -3.61
N SER A 525 17.40 -15.68 -4.01
CA SER A 525 18.49 -16.16 -4.82
C SER A 525 18.39 -15.79 -6.29
N GLY A 526 17.25 -15.30 -6.75
CA GLY A 526 17.03 -15.11 -8.17
C GLY A 526 16.63 -16.41 -8.84
N PHE A 527 16.16 -16.31 -10.05
CA PHE A 527 15.87 -17.48 -10.88
C PHE A 527 17.16 -17.98 -11.50
N PRO A 528 17.32 -19.30 -11.57
CA PRO A 528 18.55 -19.88 -12.11
C PRO A 528 18.75 -19.53 -13.60
N ASP A 529 17.65 -19.27 -14.30
CA ASP A 529 17.69 -18.97 -15.74
C ASP A 529 17.53 -17.47 -16.11
N VAL A 530 17.62 -16.58 -15.11
CA VAL A 530 17.55 -15.14 -15.34
C VAL A 530 18.86 -14.58 -14.86
N ALA A 531 19.55 -13.84 -15.73
CA ALA A 531 20.78 -13.17 -15.34
C ALA A 531 20.49 -11.92 -14.50
N GLY A 532 21.17 -11.82 -13.36
CA GLY A 532 21.29 -10.54 -12.68
C GLY A 532 20.25 -10.25 -11.61
N ASP A 533 19.30 -11.15 -11.37
CA ASP A 533 18.29 -10.95 -10.34
C ASP A 533 18.78 -11.49 -9.01
N GLY A 534 17.94 -11.43 -7.99
CA GLY A 534 18.30 -11.78 -6.63
C GLY A 534 18.68 -10.58 -5.82
N LEU A 535 18.58 -10.73 -4.50
CA LEU A 535 18.86 -9.64 -3.60
C LEU A 535 19.23 -10.17 -2.21
N VAL A 536 19.92 -9.33 -1.46
CA VAL A 536 20.10 -9.48 -0.01
C VAL A 536 19.52 -8.26 0.72
N LEU A 537 18.50 -8.47 1.55
CA LEU A 537 17.85 -7.44 2.37
C LEU A 537 18.52 -7.38 3.71
N MET A 538 18.80 -6.18 4.22
CA MET A 538 19.18 -6.03 5.62
C MET A 538 18.36 -4.88 6.16
N ILE A 539 17.68 -5.10 7.28
CA ILE A 539 16.99 -4.08 7.94
C ILE A 539 17.36 -4.06 9.43
N SER A 540 17.23 -2.92 10.06
N SER A 540 17.24 -2.90 10.03
CA SER A 540 17.63 -2.80 11.48
CA SER A 540 17.64 -2.73 11.43
C SER A 540 16.80 -1.80 12.21
C SER A 540 16.70 -1.82 12.20
N ASP A 541 16.55 -2.11 13.50
CA ASP A 541 15.93 -1.14 14.38
C ASP A 541 16.96 -0.43 15.29
N GLY A 542 18.23 -0.60 14.95
CA GLY A 542 19.31 0.05 15.68
C GLY A 542 19.32 1.55 15.54
N THR A 543 19.93 2.25 16.51
CA THR A 543 19.96 3.68 16.49
C THR A 543 21.36 4.23 16.78
N SER A 544 22.34 3.37 16.80
CA SER A 544 23.67 3.85 17.22
C SER A 544 24.37 4.69 16.13
N GLY A 545 23.84 4.67 14.89
CA GLY A 545 24.33 5.55 13.86
C GLY A 545 25.54 5.03 13.11
N ASN A 546 25.97 3.79 13.38
CA ASN A 546 27.08 3.15 12.75
C ASN A 546 26.71 2.21 11.66
N VAL A 547 27.66 1.95 10.78
CA VAL A 547 27.51 0.88 9.78
C VAL A 547 27.84 -0.45 10.42
N ALA A 548 26.97 -1.45 10.19
CA ALA A 548 27.14 -2.81 10.65
C ALA A 548 27.09 -3.80 9.55
N GLY A 549 27.79 -4.91 9.72
CA GLY A 549 27.88 -5.94 8.74
C GLY A 549 27.41 -7.29 9.22
N LYS A 550 27.03 -8.14 8.25
CA LYS A 550 26.70 -9.51 8.49
C LYS A 550 27.21 -10.32 7.38
N TRP A 551 27.73 -11.48 7.74
CA TRP A 551 28.25 -12.49 6.80
C TRP A 551 27.07 -13.35 6.34
N ILE A 552 26.68 -13.21 5.08
CA ILE A 552 25.48 -13.81 4.52
C ILE A 552 25.80 -14.62 3.26
N ASN A 553 25.12 -15.73 3.13
CA ASN A 553 25.14 -16.52 1.92
C ASN A 553 24.09 -16.01 0.91
N SER A 554 24.56 -15.24 -0.05
CA SER A 554 23.72 -14.70 -1.11
C SER A 554 23.18 -15.69 -2.10
N ARG A 555 23.77 -16.88 -2.13
CA ARG A 555 23.49 -17.93 -3.10
C ARG A 555 23.97 -17.61 -4.51
N GLN A 556 24.83 -16.61 -4.62
CA GLN A 556 25.41 -16.17 -5.87
C GLN A 556 26.93 -16.08 -5.71
N PRO A 557 27.62 -17.19 -5.97
CA PRO A 557 29.12 -17.19 -5.93
C PRO A 557 29.74 -16.17 -6.84
N ASP A 558 30.82 -15.59 -6.35
CA ASP A 558 31.68 -14.69 -7.12
C ASP A 558 30.92 -13.61 -7.84
N THR A 559 30.03 -12.93 -7.11
CA THR A 559 29.15 -11.90 -7.63
C THR A 559 29.33 -10.57 -6.91
N GLU A 560 29.39 -9.48 -7.67
CA GLU A 560 29.46 -8.15 -7.12
C GLU A 560 28.06 -7.58 -6.94
N PHE A 561 27.80 -7.08 -5.74
CA PHE A 561 26.52 -6.46 -5.38
C PHE A 561 26.71 -5.03 -4.98
N TYR A 562 25.68 -4.21 -5.19
CA TYR A 562 25.64 -2.83 -4.72
C TYR A 562 24.32 -2.60 -4.00
N ASP A 563 24.29 -1.51 -3.23
CA ASP A 563 23.13 -1.22 -2.39
C ASP A 563 22.24 -0.22 -3.12
N LEU A 564 21.11 -0.72 -3.66
CA LEU A 564 20.26 0.13 -4.48
C LEU A 564 19.51 1.21 -3.72
N THR A 565 19.62 1.22 -2.39
CA THR A 565 19.04 2.30 -1.64
C THR A 565 19.91 3.55 -1.57
N GLY A 566 21.15 3.43 -1.99
CA GLY A 566 22.11 4.55 -1.87
C GLY A 566 22.75 4.71 -0.50
N HIS A 567 22.42 3.85 0.46
CA HIS A 567 22.86 4.09 1.81
C HIS A 567 24.33 3.77 2.03
N ILE A 568 24.74 2.59 1.62
CA ILE A 568 26.12 2.14 1.82
C ILE A 568 26.89 2.33 0.50
N LYS A 569 27.99 3.09 0.58
CA LYS A 569 28.72 3.52 -0.63
C LYS A 569 29.89 2.60 -0.86
N GLU A 570 29.61 1.32 -0.95
CA GLU A 570 30.58 0.25 -1.14
C GLU A 570 29.93 -0.83 -1.95
N HIS A 571 30.70 -1.67 -2.61
CA HIS A 571 30.24 -2.92 -3.13
C HIS A 571 30.65 -4.07 -2.28
N VAL A 572 29.91 -5.15 -2.41
CA VAL A 572 30.17 -6.42 -1.73
C VAL A 572 30.39 -7.44 -2.82
N THR A 573 31.53 -8.14 -2.79
CA THR A 573 31.82 -9.17 -3.77
C THR A 573 31.88 -10.47 -3.00
N THR A 574 31.01 -11.39 -3.35
CA THR A 574 30.93 -12.63 -2.67
C THR A 574 32.06 -13.60 -3.08
N ASP A 575 32.28 -14.56 -2.20
CA ASP A 575 33.30 -15.56 -2.40
C ASP A 575 32.76 -16.74 -3.20
N SER A 576 33.57 -17.78 -3.36
CA SER A 576 33.23 -18.91 -4.21
C SER A 576 32.05 -19.74 -3.70
N GLU A 577 31.68 -19.56 -2.42
CA GLU A 577 30.57 -20.26 -1.80
C GLU A 577 29.34 -19.31 -1.72
N GLY A 578 29.45 -18.09 -2.21
CA GLY A 578 28.31 -17.13 -2.16
C GLY A 578 28.25 -16.17 -1.00
N TYR A 579 29.20 -16.24 -0.07
CA TYR A 579 29.16 -15.39 1.11
C TYR A 579 29.82 -14.04 0.90
N GLY A 580 29.21 -13.02 1.48
CA GLY A 580 29.80 -11.72 1.59
C GLY A 580 29.45 -11.07 2.88
N ASN A 581 30.14 -9.98 3.18
CA ASN A 581 29.86 -9.13 4.35
C ASN A 581 29.02 -7.97 3.91
N PHE A 582 27.72 -8.19 4.01
CA PHE A 582 26.77 -7.15 3.59
C PHE A 582 26.51 -6.18 4.75
N LYS A 583 26.17 -4.93 4.48
CA LYS A 583 26.16 -3.87 5.45
C LYS A 583 24.84 -3.09 5.45
N VAL A 584 24.57 -2.45 6.58
CA VAL A 584 23.44 -1.58 6.79
C VAL A 584 23.80 -0.51 7.84
N ILE A 585 23.19 0.63 7.75
CA ILE A 585 23.37 1.73 8.72
C ILE A 585 22.38 1.50 9.86
N LYS A 586 22.86 1.59 11.12
CA LYS A 586 21.96 1.52 12.29
C LYS A 586 21.32 2.85 12.62
N SER A 587 20.31 3.24 11.85
CA SER A 587 19.53 4.40 12.14
C SER A 587 18.06 4.14 11.77
N GLU A 588 17.17 4.88 12.38
CA GLU A 588 15.76 4.81 12.00
C GLU A 588 15.59 5.23 10.54
N ASP A 589 16.27 6.30 10.16
CA ASP A 589 16.02 6.96 8.89
C ASP A 589 16.58 6.16 7.74
N LYS A 590 17.71 5.49 7.94
CA LYS A 590 18.40 4.83 6.86
C LYS A 590 18.72 3.36 7.10
N GLY A 591 18.06 2.71 8.06
CA GLY A 591 18.37 1.36 8.46
C GLY A 591 17.74 0.25 7.59
N TRP A 592 17.83 0.44 6.29
N TRP A 592 17.88 0.39 6.28
CA TRP A 592 17.55 -0.62 5.38
CA TRP A 592 17.36 -0.56 5.32
C TRP A 592 18.49 -0.46 4.22
C TRP A 592 18.28 -0.48 4.11
N SER A 593 18.89 -1.61 3.74
CA SER A 593 19.74 -1.71 2.54
C SER A 593 19.23 -2.90 1.73
N ILE A 594 19.29 -2.78 0.41
CA ILE A 594 18.94 -3.91 -0.49
C ILE A 594 20.06 -4.05 -1.48
N TRP A 595 20.79 -5.14 -1.34
CA TRP A 595 21.97 -5.41 -2.16
C TRP A 595 21.52 -6.24 -3.35
N VAL A 596 21.88 -5.78 -4.53
CA VAL A 596 21.52 -6.48 -5.77
C VAL A 596 22.75 -6.56 -6.68
N PRO A 597 22.74 -7.53 -7.59
CA PRO A 597 23.88 -7.57 -8.49
C PRO A 597 24.12 -6.37 -9.33
N VAL A 598 25.40 -6.05 -9.56
CA VAL A 598 25.75 -4.90 -10.40
C VAL A 598 25.55 -5.20 -11.85
N GLU A 599 25.67 -6.47 -12.20
CA GLU A 599 25.53 -6.91 -13.60
C GLU A 599 24.38 -7.86 -13.58
C1 GLC B . -28.83 5.67 11.19
C2 GLC B . -29.46 5.38 9.84
C3 GLC B . -29.63 6.60 8.97
C4 GLC B . -30.52 7.57 9.69
C5 GLC B . -29.82 7.88 10.97
C6 GLC B . -30.62 8.89 11.81
O2 GLC B . -28.70 4.50 9.04
O3 GLC B . -30.38 6.15 7.83
O4 GLC B . -30.52 8.74 8.82
O5 GLC B . -29.61 6.73 11.80
O6 GLC B . -29.74 9.34 12.91
C1 G6D B . -31.85 9.25 8.56
O2 G6D B . -31.76 8.04 6.52
C2 G6D B . -32.09 9.26 7.04
C3 G6D B . -31.21 10.26 6.32
O3 G6D B . -31.69 10.31 4.96
C4 G6D B . -31.35 11.62 7.00
O4 G6D B . -30.49 12.59 6.39
C5 G6D B . -31.04 11.46 8.49
O5 G6D B . -32.00 10.54 9.10
C6 G6D B . -31.24 12.73 9.35
C1 GLC C . -15.33 3.70 8.59
C2 GLC C . -15.11 4.62 9.80
C3 GLC C . -16.22 4.48 10.78
C4 GLC C . -17.46 4.95 10.05
C5 GLC C . -17.71 4.05 8.90
C6 GLC C . -18.92 4.39 8.08
O2 GLC C . -13.89 4.17 10.44
O3 GLC C . -16.02 5.35 11.93
O4 GLC C . -18.51 4.88 11.00
O5 GLC C . -16.59 4.10 8.03
O6 GLC C . -18.81 5.73 7.54
C1 GLD C . -18.92 6.12 11.65
C2 GLD C . -19.36 5.77 13.06
C3 GLD C . -20.63 4.95 13.00
C4 GLD C . -21.68 5.76 12.25
C5 GLD C . -21.21 6.07 10.84
C6 GLD C . -22.23 6.91 10.03
O2 GLD C . -18.31 5.05 13.72
O3 GLD C . -21.11 4.74 14.36
O5 GLD C . -19.92 6.74 10.93
C2 BGC D . -6.93 -7.74 18.44
C3 BGC D . -7.84 -7.05 17.41
C4 BGC D . -8.35 -5.71 17.93
C5 BGC D . -7.12 -4.89 18.14
C6 BGC D . -7.45 -3.42 18.51
C1 BGC D . -5.80 -6.76 18.76
O1 BGC D . -4.79 -7.34 19.63
O2 BGC D . -6.41 -8.94 17.79
O3 BGC D . -8.91 -7.92 17.04
O4 BGC D . -9.20 -5.07 16.93
O5 BGC D . -6.36 -5.50 19.24
O6 BGC D . -7.08 -2.58 17.40
C1 GLC D . -10.33 -4.47 17.48
C2 GLC D . -11.50 -5.36 16.97
C3 GLC D . -11.69 -5.19 15.43
C4 GLC D . -11.92 -3.74 15.22
C5 GLC D . -10.62 -3.01 15.61
C6 GLC D . -10.62 -1.52 15.34
O2 GLC D . -11.22 -6.70 17.25
O3 GLC D . -12.86 -5.88 15.02
O4 GLC D . -12.11 -3.51 13.82
O5 GLC D . -10.42 -3.11 17.02
O6 GLC D . -11.68 -0.92 16.06
C1 GLD D . -13.41 -3.00 13.43
C2 GLD D . -13.89 -3.87 12.24
C3 GLD D . -13.15 -3.48 10.94
C4 GLD D . -13.29 -1.99 10.70
C5 GLD D . -12.52 -1.41 11.87
C6 GLD D . -12.45 0.09 11.76
O2 GLD D . -13.75 -5.26 12.52
O3 GLD D . -13.78 -4.18 9.89
O5 GLD D . -13.38 -1.62 13.05
C1 GLC E . 3.50 10.99 17.42
C2 GLC E . 2.07 10.55 17.05
C3 GLC E . 1.92 10.47 15.54
C4 GLC E . 2.45 11.68 14.78
C5 GLC E . 3.85 12.07 15.27
C6 GLC E . 4.35 13.35 14.60
O1 GLC E . 3.57 11.27 18.83
O2 GLC E . 1.66 9.23 17.53
O3 GLC E . 0.52 10.34 15.28
O4 GLC E . 2.52 11.28 13.40
O5 GLC E . 3.87 12.21 16.71
O6 GLC E . 3.25 14.23 14.31
C1 GLC E . 1.60 11.77 12.43
C2 GLC E . 1.00 10.56 11.71
C3 GLC E . 2.11 9.74 11.09
C4 GLC E . 2.88 10.62 10.15
C5 GLC E . 3.34 11.93 10.78
C6 GLC E . 3.83 12.86 9.67
O2 GLC E . 0.29 9.82 12.70
O3 GLC E . 1.62 8.60 10.32
O4 GLC E . 4.08 9.98 9.74
O5 GLC E . 2.23 12.53 11.42
O6 GLC E . 4.35 14.06 10.23
C1 AC1 E . 4.17 9.61 8.37
O2 AC1 E . 3.60 7.33 8.96
C2 AC1 E . 4.51 8.16 8.25
C4A AC1 E . 11.98 8.19 8.36
C3 AC1 E . 5.91 8.01 8.82
O3 AC1 E . 6.36 6.65 8.80
C4 AC1 E . 6.88 8.89 8.04
N4A AC1 E . 8.26 8.58 8.52
C5 AC1 E . 6.43 10.34 8.15
O5 AC1 E . 5.09 10.45 7.67
C6 AC1 E . 7.26 11.29 7.29
C1B AC1 E . 9.19 7.88 7.65
C2B AC1 E . 10.00 6.76 8.32
O2B AC1 E . 9.15 5.96 9.18
C3B AC1 E . 11.03 7.38 9.24
O3B AC1 E . 11.68 6.40 10.05
O4 AC1 E . 12.90 8.88 9.21
C5B AC1 E . 11.27 9.16 7.46
C7B AC1 E . 10.07 8.91 6.99
C6B AC1 E . 11.95 10.43 7.03
O6B AC1 E . 12.93 10.09 6.08
CA CA F . -29.89 -13.35 10.13
CA CA G . -23.10 -8.09 9.95
CA CA H . 15.95 -4.32 18.47
NA NA I . -26.85 -10.09 9.77
CA CA J . 19.51 -15.33 -11.55
C1 ACI K . -23.92 5.34 13.22
C2 ACI K . -25.05 4.26 13.26
C3 ACI K . -25.98 4.36 12.09
C4 ACI K . -26.68 5.74 12.16
C5 ACI K . -25.70 6.88 12.27
C6 ACI K . -26.15 8.29 11.89
C7 ACI K . -24.47 6.68 12.82
N1 ACI K . -22.95 4.96 12.18
O2 ACI K . -24.41 2.95 13.28
O3 ACI K . -27.04 3.36 12.26
O4 ACI K . -27.51 6.08 10.98
O6 ACI K . -25.09 9.24 12.10
C1 ACI L . -13.67 -1.33 8.13
C2 ACI L . -13.35 -0.12 7.17
C3 ACI L . -13.59 1.15 7.96
C4 ACI L . -15.05 1.35 8.01
C5 ACI L . -15.82 0.08 8.27
C6 ACI L . -17.34 0.19 8.42
C7 ACI L . -15.17 -1.14 8.40
N1 ACI L . -12.68 -1.57 9.37
O2 ACI L . -11.93 -0.28 6.74
O3 ACI L . -12.90 2.27 7.37
O4 ACI L . -15.37 2.32 9.03
O6 ACI L . -17.68 -0.13 7.00
C1 GLC M . -24.67 -15.24 16.92
C2 GLC M . -25.49 -16.16 15.99
C3 GLC M . -25.09 -17.58 16.18
C4 GLC M . -23.77 -17.54 15.52
C5 GLC M . -22.83 -16.68 16.36
C6 GLC M . -21.76 -16.50 15.36
O1 GLC M . -24.96 -15.49 18.27
O2 GLC M . -26.87 -16.06 16.17
O3 GLC M . -25.84 -18.46 15.39
O4 GLC M . -23.24 -18.82 15.33
O5 GLC M . -23.27 -15.38 16.72
O6 GLC M . -21.33 -17.76 14.99
C1 GLC N . -43.89 3.38 3.07
C2 GLC N . -42.90 4.49 3.38
C3 GLC N . -42.77 5.39 2.16
C4 GLC N . -42.17 4.52 1.06
C5 GLC N . -43.03 3.28 0.76
C6 GLC N . -42.25 2.34 -0.18
O1 GLC N . -45.10 3.21 3.80
O2 GLC N . -43.27 5.26 4.50
O3 GLC N . -41.92 6.48 2.43
O4 GLC N . -42.00 5.27 -0.12
O5 GLC N . -43.54 2.59 1.92
O6 GLC N . -42.48 0.98 0.11
#